data_9FLI
#
_entry.id   9FLI
#
_cell.length_a   160.339
_cell.length_b   160.339
_cell.length_c   155.715
_cell.angle_alpha   90.000
_cell.angle_beta   90.000
_cell.angle_gamma   90.000
#
_symmetry.space_group_name_H-M   'P 41 21 2'
#
loop_
_entity.id
_entity.type
_entity.pdbx_description
1 polymer 'Arabinogalactan endo-beta-1,4-galactanase'
2 non-polymer 'CALCIUM ION'
3 water water
#
_entity_poly.entity_id   1
_entity_poly.type   'polypeptide(L)'
_entity_poly.pdbx_seq_one_letter_code
;MGKQFLFVLVAMMVMIMSFSSNHIHKAAADSYNYLINGGFESDFWADGSWTVTTQDWSSVDLQRFSYSNDAWIVPNEGDS
AFKYWIRDIANGNQTFTLKQTIGQLPPGSYELSVQSMGGAGDEAGYIQLFAGDKMADAVVTKGYNSWETVKLEFTLEEEA
SNFEVGAIVTGEPNAWGYMDHFQLVSLNSAGGREMPKPVPADIFVKRVDGLSKEFIKGVDVSSIIALEDSGVKFYNAAGK
KQDIFKTLKEAGINYVRVRVWNDPYDAKGHGYGGGNNDLEKAIEIGKRATASGMKLLVDFHYSDFWADPAKQRPPKAWAK
LNFEAKKKALYRFTKESLKAMLKEKIQVGMVQIGNETNGAFVGETDWAKICELLNAGSRAVRETSPNILVVLHFTNPETP
GRYASIAKTLAEHKVDYDVFASSYYPFWHGTLANLTSVLKYVANTYLKKVMVAETSYPYTTEDGDGHENTAPKSSGQTLN
YPITVQGQANAIRDVIQAVAAVGKPGIGVFYWEPAWIPVGPPEQLKQNEKKWEKYGSGWASSFAAEYDPDAAMWHGGSAV
DNQALFDFNGRPLPSLNVFKYVDTGAVAPLKIDEIKDIYIRAAFGEQVVLPTTVTATYNDGSKHLVSVKWDQAALEQALR
TGVGTYVIQGVVEGGETVKAHLEITPKNYVVNPSFEDQDRTMWNIIYRNGTSPHTDYLEKATDAKSGNYSLHFYSNEAVD
FQVEQTITGLKPGYYNLSMFLQAGDAPNAEIYLYAKTGDKEYRAAASVNGWLNWSSPEIHDIYIADGTVTIGASIKANGG
AWGTLDDFQLYQTK
;
_entity_poly.pdbx_strand_id   A,B,C
#
loop_
_chem_comp.id
_chem_comp.type
_chem_comp.name
_chem_comp.formula
CA non-polymer 'CALCIUM ION' 'Ca 2'
#
# COMPACT_ATOMS: atom_id res chain seq x y z
N ASP A 202 -20.44 -24.76 -20.73
CA ASP A 202 -20.21 -23.53 -19.95
C ASP A 202 -18.95 -22.75 -20.43
N ILE A 203 -17.76 -23.36 -20.43
CA ILE A 203 -16.53 -22.62 -20.72
C ILE A 203 -15.88 -23.09 -22.01
N PHE A 204 -15.40 -22.12 -22.78
CA PHE A 204 -14.62 -22.30 -24.00
C PHE A 204 -13.36 -21.46 -23.84
N VAL A 205 -12.32 -21.80 -24.59
CA VAL A 205 -11.08 -21.05 -24.49
C VAL A 205 -10.43 -21.05 -25.87
N LYS A 206 -9.49 -20.14 -26.09
CA LYS A 206 -8.82 -20.09 -27.38
C LYS A 206 -7.59 -20.97 -27.40
N ARG A 207 -7.44 -21.71 -28.50
CA ARG A 207 -6.37 -22.67 -28.62
C ARG A 207 -5.00 -21.96 -28.58
N VAL A 208 -3.99 -22.72 -28.17
CA VAL A 208 -2.61 -22.24 -28.02
C VAL A 208 -1.76 -22.91 -29.09
N ASP A 209 -1.13 -22.12 -29.95
CA ASP A 209 -0.22 -22.66 -30.96
C ASP A 209 1.21 -22.62 -30.43
N GLY A 210 1.93 -23.72 -30.64
CA GLY A 210 3.26 -23.91 -30.14
C GLY A 210 3.36 -24.97 -29.07
N LEU A 211 2.33 -25.83 -28.94
CA LEU A 211 2.15 -26.66 -27.76
C LEU A 211 2.60 -28.08 -28.06
N SER A 212 3.77 -28.44 -27.53
CA SER A 212 4.27 -29.79 -27.63
C SER A 212 3.28 -30.81 -27.08
N LYS A 213 3.53 -32.09 -27.42
CA LYS A 213 2.83 -33.17 -26.77
C LYS A 213 3.31 -33.35 -25.33
N GLU A 214 4.50 -32.87 -25.00
CA GLU A 214 5.07 -33.04 -23.67
C GLU A 214 5.16 -31.72 -22.90
N PHE A 215 4.53 -30.66 -23.41
CA PHE A 215 4.31 -29.44 -22.64
C PHE A 215 3.74 -29.81 -21.29
N ILE A 216 4.21 -29.15 -20.23
CA ILE A 216 3.86 -29.48 -18.85
C ILE A 216 2.60 -28.72 -18.45
N LYS A 217 1.54 -29.48 -18.15
CA LYS A 217 0.29 -28.99 -17.61
C LYS A 217 0.16 -29.48 -16.17
N GLY A 218 0.65 -28.67 -15.22
CA GLY A 218 0.85 -29.13 -13.86
C GLY A 218 0.01 -28.38 -12.84
N VAL A 219 -0.02 -28.92 -11.61
CA VAL A 219 -0.72 -28.35 -10.48
C VAL A 219 0.11 -28.61 -9.24
N ASP A 220 0.04 -27.69 -8.28
CA ASP A 220 0.68 -27.85 -6.98
C ASP A 220 -0.46 -28.19 -6.04
N VAL A 221 -0.60 -29.46 -5.67
CA VAL A 221 -1.70 -29.90 -4.84
C VAL A 221 -1.19 -30.32 -3.46
N SER A 222 -0.25 -29.51 -2.92
CA SER A 222 0.44 -29.74 -1.64
C SER A 222 -0.46 -29.60 -0.44
N SER A 223 -1.68 -29.10 -0.61
CA SER A 223 -2.62 -28.96 0.48
C SER A 223 -3.46 -30.21 0.67
N ILE A 224 -3.25 -31.23 -0.15
CA ILE A 224 -4.22 -32.30 -0.27
C ILE A 224 -4.31 -33.13 1.02
N ILE A 225 -3.17 -33.50 1.62
CA ILE A 225 -3.25 -34.44 2.75
C ILE A 225 -3.93 -33.77 3.94
N ALA A 226 -3.54 -32.53 4.24
CA ALA A 226 -4.14 -31.91 5.41
C ALA A 226 -5.64 -31.65 5.20
N LEU A 227 -6.04 -31.20 4.00
CA LEU A 227 -7.46 -31.04 3.73
C LEU A 227 -8.19 -32.38 3.85
N GLU A 228 -7.65 -33.43 3.21
CA GLU A 228 -8.24 -34.76 3.34
C GLU A 228 -8.25 -35.21 4.78
N ASP A 229 -7.23 -34.84 5.54
CA ASP A 229 -7.21 -35.20 6.94
C ASP A 229 -8.21 -34.39 7.75
N SER A 230 -8.81 -33.38 7.13
CA SER A 230 -9.87 -32.58 7.74
C SER A 230 -11.23 -32.91 7.15
N GLY A 231 -11.35 -34.06 6.50
CA GLY A 231 -12.60 -34.52 5.93
C GLY A 231 -13.08 -33.78 4.70
N VAL A 232 -12.26 -32.87 4.17
CA VAL A 232 -12.59 -32.34 2.85
C VAL A 232 -12.73 -33.51 1.91
N LYS A 233 -13.78 -33.50 1.10
CA LYS A 233 -14.05 -34.61 0.21
C LYS A 233 -14.14 -34.06 -1.20
N PHE A 234 -13.53 -34.78 -2.15
CA PHE A 234 -13.53 -34.35 -3.55
C PHE A 234 -14.35 -35.32 -4.38
N TYR A 235 -15.16 -34.76 -5.28
CA TYR A 235 -16.12 -35.45 -6.11
C TYR A 235 -15.73 -35.24 -7.58
N ASN A 236 -16.46 -35.87 -8.49
CA ASN A 236 -16.32 -35.59 -9.91
C ASN A 236 -17.33 -34.52 -10.30
N ALA A 237 -17.51 -34.36 -11.61
CA ALA A 237 -18.47 -33.38 -12.10
C ALA A 237 -19.92 -33.81 -11.84
N ALA A 238 -20.15 -35.12 -11.61
CA ALA A 238 -21.48 -35.68 -11.42
C ALA A 238 -21.94 -35.73 -9.96
N GLY A 239 -21.14 -35.25 -9.01
CA GLY A 239 -21.45 -35.36 -7.61
C GLY A 239 -21.04 -36.67 -6.98
N LYS A 240 -20.15 -37.42 -7.63
CA LYS A 240 -19.73 -38.73 -7.16
C LYS A 240 -18.28 -38.67 -6.71
N LYS A 241 -18.02 -39.05 -5.46
CA LYS A 241 -16.66 -39.03 -4.93
C LYS A 241 -15.71 -39.71 -5.88
N GLN A 242 -14.57 -39.05 -6.12
CA GLN A 242 -13.52 -39.48 -7.03
C GLN A 242 -12.24 -38.81 -6.57
N ASP A 243 -11.16 -39.60 -6.46
CA ASP A 243 -9.86 -39.05 -6.10
C ASP A 243 -9.54 -37.81 -6.93
N ILE A 244 -8.98 -36.79 -6.24
CA ILE A 244 -8.60 -35.58 -6.93
C ILE A 244 -7.61 -35.90 -8.06
N PHE A 245 -6.69 -36.84 -7.82
CA PHE A 245 -5.69 -37.15 -8.84
C PHE A 245 -6.30 -37.84 -10.05
N LYS A 246 -7.37 -38.62 -9.84
CA LYS A 246 -8.09 -39.15 -10.98
C LYS A 246 -8.70 -38.03 -11.81
N THR A 247 -9.50 -37.18 -11.16
CA THR A 247 -10.09 -36.01 -11.81
C THR A 247 -9.02 -35.16 -12.47
N LEU A 248 -7.89 -34.99 -11.78
CA LEU A 248 -6.74 -34.26 -12.31
C LEU A 248 -6.18 -34.94 -13.55
N LYS A 249 -6.01 -36.27 -13.50
CA LYS A 249 -5.52 -36.96 -14.68
C LYS A 249 -6.48 -36.77 -15.85
N GLU A 250 -7.79 -36.99 -15.62
CA GLU A 250 -8.80 -36.91 -16.67
C GLU A 250 -8.90 -35.52 -17.28
N ALA A 251 -8.49 -34.49 -16.53
CA ALA A 251 -8.54 -33.10 -16.96
C ALA A 251 -7.38 -32.70 -17.87
N GLY A 252 -6.43 -33.61 -18.13
CA GLY A 252 -5.28 -33.34 -18.96
C GLY A 252 -3.99 -33.04 -18.23
N ILE A 253 -4.01 -33.05 -16.90
CA ILE A 253 -2.86 -32.61 -16.12
C ILE A 253 -1.80 -33.70 -16.13
N ASN A 254 -0.55 -33.32 -16.44
CA ASN A 254 0.50 -34.31 -16.55
C ASN A 254 1.55 -34.22 -15.46
N TYR A 255 1.45 -33.25 -14.53
CA TYR A 255 2.51 -33.01 -13.56
C TYR A 255 1.93 -32.49 -12.25
N VAL A 256 2.62 -32.81 -11.16
CA VAL A 256 2.25 -32.35 -9.83
C VAL A 256 3.50 -31.73 -9.23
N ARG A 257 3.31 -30.68 -8.43
CA ARG A 257 4.40 -30.01 -7.75
C ARG A 257 4.12 -30.12 -6.27
N VAL A 258 5.16 -30.40 -5.48
CA VAL A 258 4.99 -30.52 -4.03
C VAL A 258 6.04 -29.65 -3.34
N ARG A 259 5.72 -29.16 -2.15
CA ARG A 259 6.63 -28.29 -1.44
C ARG A 259 7.12 -29.03 -0.21
N VAL A 260 8.44 -29.00 0.01
CA VAL A 260 9.02 -29.72 1.12
C VAL A 260 9.61 -28.71 2.09
N TRP A 261 9.09 -28.70 3.32
CA TRP A 261 9.66 -27.97 4.42
C TRP A 261 10.39 -28.98 5.28
N ASN A 262 11.57 -28.61 5.80
CA ASN A 262 12.36 -29.64 6.48
C ASN A 262 11.72 -30.05 7.80
N ASP A 263 11.26 -29.09 8.59
CA ASP A 263 10.42 -29.39 9.75
C ASP A 263 9.27 -28.42 9.81
N PRO A 264 8.08 -28.74 9.09
CA PRO A 264 6.94 -27.82 9.10
C PRO A 264 6.15 -27.81 10.41
N TYR A 265 6.85 -28.03 11.52
CA TYR A 265 6.24 -28.31 12.81
C TYR A 265 6.99 -27.52 13.88
N ASP A 266 6.35 -27.38 15.02
CA ASP A 266 6.92 -26.62 16.12
C ASP A 266 7.73 -27.57 17.02
N ALA A 267 7.97 -27.11 18.26
CA ALA A 267 8.74 -27.89 19.21
C ALA A 267 8.00 -29.16 19.62
N LYS A 268 6.69 -29.04 19.91
CA LYS A 268 5.89 -30.15 20.38
C LYS A 268 5.23 -30.96 19.25
N GLY A 269 5.72 -30.86 18.01
CA GLY A 269 5.08 -31.53 16.89
C GLY A 269 3.82 -30.87 16.34
N HIS A 270 3.36 -29.76 16.92
CA HIS A 270 2.27 -28.98 16.34
C HIS A 270 2.70 -28.43 14.98
N GLY A 271 1.94 -28.73 13.92
CA GLY A 271 2.36 -28.34 12.56
C GLY A 271 2.15 -26.86 12.27
N TYR A 272 3.10 -26.28 11.50
CA TYR A 272 3.09 -24.84 11.27
C TYR A 272 1.88 -24.42 10.44
N GLY A 273 1.38 -25.31 9.57
CA GLY A 273 0.27 -25.04 8.69
C GLY A 273 0.62 -25.32 7.26
N GLY A 274 0.03 -24.55 6.36
CA GLY A 274 0.32 -24.62 4.94
C GLY A 274 0.28 -26.02 4.34
N GLY A 275 -0.44 -26.94 4.98
CA GLY A 275 -0.46 -28.31 4.56
C GLY A 275 0.47 -29.21 5.33
N ASN A 276 1.16 -28.66 6.33
CA ASN A 276 2.15 -29.36 7.16
C ASN A 276 3.03 -30.27 6.31
N ASN A 277 3.51 -29.71 5.20
CA ASN A 277 4.21 -30.40 4.12
C ASN A 277 5.68 -30.73 4.41
N ASP A 278 5.98 -32.02 4.32
CA ASP A 278 7.26 -32.60 4.66
C ASP A 278 7.57 -33.62 3.57
N LEU A 279 8.65 -34.36 3.78
CA LEU A 279 9.04 -35.41 2.84
C LEU A 279 8.01 -36.53 2.79
N GLU A 280 7.40 -36.87 3.93
CA GLU A 280 6.39 -37.92 3.97
C GLU A 280 5.18 -37.52 3.14
N LYS A 281 4.72 -36.28 3.29
CA LYS A 281 3.56 -35.87 2.54
C LYS A 281 3.89 -35.82 1.06
N ALA A 282 5.13 -35.45 0.75
CA ALA A 282 5.51 -35.41 -0.66
C ALA A 282 5.60 -36.80 -1.26
N ILE A 283 6.05 -37.77 -0.46
CA ILE A 283 6.14 -39.13 -0.98
C ILE A 283 4.75 -39.71 -1.24
N GLU A 284 3.79 -39.45 -0.35
CA GLU A 284 2.37 -39.79 -0.59
C GLU A 284 1.85 -39.13 -1.86
N ILE A 285 1.93 -37.80 -1.93
CA ILE A 285 1.47 -37.05 -3.09
C ILE A 285 2.15 -37.53 -4.37
N GLY A 286 3.47 -37.72 -4.31
CA GLY A 286 4.21 -38.17 -5.48
C GLY A 286 3.85 -39.58 -5.87
N LYS A 287 3.75 -40.48 -4.89
CA LYS A 287 3.21 -41.81 -5.16
C LYS A 287 1.89 -41.71 -5.91
N ARG A 288 0.94 -40.97 -5.36
CA ARG A 288 -0.39 -40.83 -5.96
C ARG A 288 -0.32 -40.14 -7.32
N ALA A 289 0.69 -39.28 -7.49
CA ALA A 289 0.92 -38.66 -8.78
C ALA A 289 1.34 -39.72 -9.81
N THR A 290 2.31 -40.56 -9.46
CA THR A 290 2.82 -41.52 -10.43
C THR A 290 1.77 -42.56 -10.79
N ALA A 291 0.90 -42.90 -9.83
CA ALA A 291 -0.17 -43.86 -10.10
C ALA A 291 -1.10 -43.33 -11.17
N SER A 292 -1.45 -42.06 -11.09
CA SER A 292 -2.33 -41.47 -12.08
C SER A 292 -1.58 -40.95 -13.30
N GLY A 293 -0.31 -41.32 -13.46
CA GLY A 293 0.43 -41.02 -14.67
C GLY A 293 1.07 -39.65 -14.71
N MET A 294 1.31 -39.03 -13.55
CA MET A 294 1.80 -37.66 -13.50
C MET A 294 3.23 -37.65 -12.93
N LYS A 295 4.11 -36.90 -13.59
CA LYS A 295 5.46 -36.70 -13.09
C LYS A 295 5.43 -35.66 -11.96
N LEU A 296 6.49 -35.65 -11.16
CA LEU A 296 6.53 -34.82 -9.98
C LEU A 296 7.58 -33.73 -10.12
N LEU A 297 7.35 -32.63 -9.43
CA LEU A 297 8.33 -31.57 -9.20
C LEU A 297 8.50 -31.41 -7.68
N VAL A 298 9.73 -31.48 -7.19
CA VAL A 298 10.04 -31.31 -5.79
C VAL A 298 10.52 -29.88 -5.57
N ASP A 299 9.65 -29.02 -5.04
CA ASP A 299 10.06 -27.68 -4.66
C ASP A 299 10.59 -27.71 -3.22
N PHE A 300 11.91 -27.59 -3.06
CA PHE A 300 12.54 -27.57 -1.75
C PHE A 300 12.59 -26.11 -1.33
N HIS A 301 11.92 -25.76 -0.23
CA HIS A 301 12.05 -24.39 0.23
C HIS A 301 13.37 -24.16 0.92
N TYR A 302 13.99 -25.25 1.42
CA TYR A 302 15.10 -25.18 2.37
C TYR A 302 14.79 -24.17 3.47
N SER A 303 13.67 -24.41 4.13
CA SER A 303 13.10 -23.65 5.23
C SER A 303 12.07 -24.54 5.87
N ASP A 304 11.72 -24.23 7.11
CA ASP A 304 10.76 -25.06 7.80
C ASP A 304 9.33 -24.61 7.55
N PHE A 305 9.16 -23.56 6.78
CA PHE A 305 7.90 -22.95 6.41
C PHE A 305 8.07 -22.17 5.12
N TRP A 306 7.14 -21.24 4.89
CA TRP A 306 7.03 -20.57 3.61
C TRP A 306 8.32 -19.84 3.27
N ALA A 307 8.77 -20.06 2.03
CA ALA A 307 9.94 -19.39 1.46
C ALA A 307 9.49 -18.51 0.30
N ASP A 308 9.81 -17.19 0.38
CA ASP A 308 9.37 -16.16 -0.56
C ASP A 308 10.49 -15.12 -0.68
N PRO A 309 10.34 -14.03 -1.45
CA PRO A 309 11.40 -12.99 -1.47
C PRO A 309 11.71 -12.35 -0.13
N ALA A 310 10.71 -12.19 0.73
CA ALA A 310 10.87 -11.50 2.02
C ALA A 310 11.28 -12.47 3.13
N LYS A 311 10.79 -13.71 3.06
CA LYS A 311 10.97 -14.72 4.09
C LYS A 311 11.72 -15.90 3.47
N GLN A 312 13.04 -15.99 3.73
CA GLN A 312 13.84 -17.14 3.29
C GLN A 312 14.62 -17.71 4.48
N ARG A 313 13.88 -18.01 5.55
CA ARG A 313 14.50 -18.36 6.83
C ARG A 313 15.18 -19.74 6.72
N PRO A 314 16.39 -19.90 7.27
CA PRO A 314 17.01 -21.23 7.30
C PRO A 314 16.19 -22.19 8.15
N PRO A 315 16.26 -23.49 7.86
CA PRO A 315 15.65 -24.46 8.77
C PRO A 315 16.24 -24.36 10.16
N LYS A 316 15.38 -24.59 11.15
CA LYS A 316 15.80 -24.54 12.55
C LYS A 316 17.07 -25.35 12.79
N ALA A 317 17.15 -26.54 12.22
CA ALA A 317 18.34 -27.35 12.44
C ALA A 317 19.55 -26.71 11.77
N TRP A 318 19.37 -26.11 10.61
CA TRP A 318 20.48 -25.43 9.97
C TRP A 318 20.69 -24.00 10.45
N ALA A 319 19.96 -23.53 11.44
CA ALA A 319 20.05 -22.11 11.70
C ALA A 319 21.33 -21.78 12.46
N LYS A 320 21.80 -22.72 13.26
CA LYS A 320 23.01 -22.52 14.02
C LYS A 320 24.26 -23.02 13.30
N LEU A 321 24.12 -23.51 12.07
CA LEU A 321 25.24 -24.10 11.36
C LEU A 321 26.05 -22.99 10.69
N ASN A 322 27.31 -23.28 10.37
CA ASN A 322 28.11 -22.37 9.56
C ASN A 322 27.76 -22.55 8.09
N PHE A 323 28.36 -21.71 7.24
CA PHE A 323 28.04 -21.73 5.80
C PHE A 323 28.35 -23.10 5.20
N GLU A 324 29.56 -23.60 5.44
CA GLU A 324 30.05 -24.83 4.84
C GLU A 324 29.22 -26.03 5.28
N ALA A 325 28.86 -26.09 6.58
CA ALA A 325 28.03 -27.17 7.08
C ALA A 325 26.63 -27.09 6.49
N LYS A 326 26.15 -25.86 6.25
CA LYS A 326 24.83 -25.69 5.65
C LYS A 326 24.83 -26.20 4.22
N LYS A 327 25.99 -26.14 3.55
CA LYS A 327 26.10 -26.63 2.19
C LYS A 327 26.07 -28.15 2.16
N LYS A 328 26.71 -28.80 3.13
CA LYS A 328 26.59 -30.25 3.15
C LYS A 328 25.16 -30.64 3.46
N ALA A 329 24.53 -29.93 4.41
CA ALA A 329 23.21 -30.29 4.89
C ALA A 329 22.16 -30.14 3.79
N LEU A 330 22.22 -29.04 3.03
CA LEU A 330 21.40 -28.90 1.84
C LEU A 330 21.61 -30.07 0.90
N TYR A 331 22.88 -30.47 0.73
CA TYR A 331 23.24 -31.56 -0.19
C TYR A 331 22.68 -32.89 0.30
N ARG A 332 22.92 -33.25 1.57
CA ARG A 332 22.37 -34.50 2.08
C ARG A 332 20.86 -34.49 2.02
N PHE A 333 20.23 -33.38 2.47
CA PHE A 333 18.77 -33.30 2.46
C PHE A 333 18.23 -33.54 1.05
N THR A 334 18.79 -32.86 0.05
CA THR A 334 18.37 -33.09 -1.32
C THR A 334 18.57 -34.55 -1.71
N LYS A 335 19.76 -35.07 -1.42
CA LYS A 335 20.12 -36.42 -1.86
C LYS A 335 19.20 -37.44 -1.24
N GLU A 336 19.11 -37.43 0.10
CA GLU A 336 18.40 -38.47 0.85
C GLU A 336 16.89 -38.37 0.64
N SER A 337 16.36 -37.13 0.60
CA SER A 337 14.94 -36.91 0.29
C SER A 337 14.60 -37.44 -1.09
N LEU A 338 15.44 -37.16 -2.08
CA LEU A 338 15.18 -37.70 -3.40
C LEU A 338 15.46 -39.19 -3.45
N LYS A 339 16.35 -39.68 -2.60
CA LYS A 339 16.61 -41.13 -2.62
C LYS A 339 15.39 -41.89 -2.12
N ALA A 340 14.81 -41.45 -0.99
CA ALA A 340 13.60 -42.11 -0.47
C ALA A 340 12.47 -42.10 -1.50
N MET A 341 12.21 -40.94 -2.11
CA MET A 341 11.21 -40.84 -3.17
C MET A 341 11.44 -41.88 -4.25
N LEU A 342 12.65 -41.90 -4.82
CA LEU A 342 12.99 -42.78 -5.92
C LEU A 342 12.97 -44.26 -5.52
N LYS A 343 13.02 -44.55 -4.24
CA LYS A 343 12.80 -45.92 -3.80
C LYS A 343 11.33 -46.30 -3.71
N GLU A 344 10.40 -45.35 -3.90
CA GLU A 344 8.98 -45.63 -3.79
C GLU A 344 8.30 -45.58 -5.15
N LYS A 345 9.07 -45.67 -6.23
CA LYS A 345 8.64 -45.70 -7.63
C LYS A 345 8.37 -44.30 -8.16
N ILE A 346 8.46 -43.26 -7.32
CA ILE A 346 8.02 -41.94 -7.75
C ILE A 346 8.87 -41.47 -8.92
N GLN A 347 8.19 -40.95 -9.95
CA GLN A 347 8.88 -40.38 -11.11
C GLN A 347 9.07 -38.90 -10.85
N VAL A 348 10.31 -38.52 -10.55
CA VAL A 348 10.68 -37.13 -10.36
C VAL A 348 11.33 -36.69 -11.66
N GLY A 349 10.80 -35.65 -12.29
CA GLY A 349 11.37 -35.19 -13.55
C GLY A 349 12.02 -33.83 -13.40
N MET A 350 11.81 -33.24 -12.23
CA MET A 350 12.04 -31.84 -11.93
C MET A 350 12.29 -31.71 -10.44
N VAL A 351 13.38 -31.06 -10.08
CA VAL A 351 13.60 -30.66 -8.71
C VAL A 351 13.92 -29.18 -8.73
N GLN A 352 13.28 -28.45 -7.84
CA GLN A 352 13.43 -27.01 -7.72
C GLN A 352 14.35 -26.77 -6.53
N ILE A 353 15.40 -25.98 -6.73
CA ILE A 353 16.28 -25.58 -5.62
C ILE A 353 15.87 -24.19 -5.12
N GLY A 354 15.14 -24.16 -3.99
CA GLY A 354 14.57 -22.95 -3.43
C GLY A 354 13.25 -22.51 -4.07
N ASN A 355 12.53 -21.65 -3.34
CA ASN A 355 11.28 -21.04 -3.79
C ASN A 355 11.42 -19.52 -3.85
N GLU A 356 11.32 -18.93 -5.03
CA GLU A 356 11.42 -17.48 -5.19
C GLU A 356 12.61 -16.90 -4.44
N THR A 357 13.80 -17.34 -4.86
CA THR A 357 15.08 -17.03 -4.23
C THR A 357 15.65 -15.72 -4.77
N ASN A 358 14.82 -14.67 -4.65
CA ASN A 358 15.07 -13.33 -5.19
C ASN A 358 15.93 -12.60 -4.16
N GLY A 359 17.24 -12.79 -4.26
CA GLY A 359 18.22 -12.16 -3.39
C GLY A 359 18.40 -12.74 -1.99
N ALA A 360 17.72 -13.83 -1.64
CA ALA A 360 17.91 -14.50 -0.36
C ALA A 360 17.67 -15.98 -0.54
N PHE A 361 18.43 -16.80 0.18
CA PHE A 361 18.32 -18.24 0.09
C PHE A 361 19.01 -18.81 1.31
N VAL A 362 18.25 -19.61 2.06
CA VAL A 362 18.66 -20.27 3.31
C VAL A 362 19.44 -19.30 4.18
N GLY A 363 18.89 -18.13 4.43
CA GLY A 363 19.50 -17.23 5.34
C GLY A 363 20.46 -16.21 4.76
N GLU A 364 20.93 -16.38 3.52
CA GLU A 364 21.97 -15.52 2.96
C GLU A 364 21.36 -14.50 2.01
N THR A 365 21.81 -13.25 2.11
CA THR A 365 21.37 -12.18 1.22
C THR A 365 22.47 -11.80 0.21
N ASP A 366 23.57 -12.54 0.21
CA ASP A 366 24.71 -12.35 -0.68
C ASP A 366 24.61 -13.27 -1.87
N TRP A 367 24.62 -12.72 -3.09
CA TRP A 367 24.48 -13.57 -4.26
C TRP A 367 25.58 -14.62 -4.37
N ALA A 368 26.75 -14.34 -3.82
CA ALA A 368 27.81 -15.34 -3.89
C ALA A 368 27.46 -16.56 -3.05
N LYS A 369 26.94 -16.34 -1.84
CA LYS A 369 26.61 -17.44 -0.94
C LYS A 369 25.31 -18.11 -1.37
N ILE A 370 24.36 -17.32 -1.88
CA ILE A 370 23.18 -17.91 -2.53
C ILE A 370 23.61 -18.89 -3.61
N CYS A 371 24.48 -18.47 -4.56
CA CYS A 371 24.82 -19.35 -5.67
C CYS A 371 25.49 -20.61 -5.21
N GLU A 372 26.32 -20.52 -4.16
CA GLU A 372 27.03 -21.71 -3.75
C GLU A 372 26.05 -22.72 -3.24
N LEU A 373 25.03 -22.23 -2.53
CA LEU A 373 24.00 -23.08 -1.97
C LEU A 373 23.17 -23.73 -3.07
N LEU A 374 22.88 -22.95 -4.13
CA LEU A 374 22.16 -23.51 -5.26
C LEU A 374 22.95 -24.63 -5.91
N ASN A 375 24.27 -24.48 -6.00
CA ASN A 375 25.09 -25.55 -6.57
C ASN A 375 25.17 -26.77 -5.67
N ALA A 376 24.87 -26.60 -4.38
CA ALA A 376 24.83 -27.77 -3.50
C ALA A 376 23.66 -28.67 -3.86
N GLY A 377 22.46 -28.10 -4.04
CA GLY A 377 21.31 -28.93 -4.34
C GLY A 377 21.40 -29.52 -5.72
N SER A 378 21.79 -28.71 -6.69
CA SER A 378 21.96 -29.17 -8.06
C SER A 378 22.86 -30.41 -8.12
N ARG A 379 24.01 -30.39 -7.43
CA ARG A 379 24.87 -31.57 -7.36
C ARG A 379 24.10 -32.79 -6.90
N ALA A 380 23.34 -32.69 -5.80
CA ALA A 380 22.66 -33.88 -5.32
C ALA A 380 21.54 -34.33 -6.27
N VAL A 381 20.95 -33.39 -6.99
CA VAL A 381 20.03 -33.82 -8.03
C VAL A 381 20.82 -34.45 -9.16
N ARG A 382 21.92 -33.81 -9.56
CA ARG A 382 22.77 -34.34 -10.62
C ARG A 382 23.34 -35.69 -10.23
N GLU A 383 23.65 -35.88 -8.94
CA GLU A 383 24.20 -37.14 -8.44
C GLU A 383 23.09 -38.17 -8.27
N THR A 384 21.85 -37.70 -8.15
CA THR A 384 20.71 -38.60 -8.10
C THR A 384 20.40 -39.14 -9.49
N SER A 385 20.33 -38.26 -10.50
CA SER A 385 20.04 -38.75 -11.84
C SER A 385 20.35 -37.67 -12.86
N PRO A 386 20.94 -38.04 -14.00
CA PRO A 386 21.16 -37.05 -15.06
C PRO A 386 19.88 -36.45 -15.59
N ASN A 387 18.77 -37.20 -15.52
CA ASN A 387 17.57 -36.81 -16.26
C ASN A 387 16.70 -35.87 -15.44
N ILE A 388 16.75 -35.94 -14.10
CA ILE A 388 16.00 -34.98 -13.31
C ILE A 388 16.50 -33.57 -13.55
N LEU A 389 15.55 -32.65 -13.70
CA LEU A 389 15.82 -31.29 -14.12
C LEU A 389 15.93 -30.35 -12.92
N VAL A 390 17.02 -29.60 -12.89
CA VAL A 390 17.31 -28.68 -11.81
C VAL A 390 16.66 -27.33 -12.09
N VAL A 391 15.66 -26.97 -11.30
CA VAL A 391 14.90 -25.76 -11.50
C VAL A 391 15.32 -24.72 -10.48
N LEU A 392 15.42 -23.46 -10.93
CA LEU A 392 15.65 -22.29 -10.08
C LEU A 392 14.45 -21.35 -10.21
N HIS A 393 13.97 -20.83 -9.07
CA HIS A 393 12.64 -20.23 -9.02
C HIS A 393 12.70 -18.77 -8.56
N PHE A 394 12.20 -17.85 -9.39
CA PHE A 394 12.22 -16.42 -9.09
C PHE A 394 10.84 -15.86 -9.34
N THR A 395 10.57 -14.68 -8.77
CA THR A 395 9.27 -14.03 -8.96
C THR A 395 9.50 -12.55 -9.27
N ASN A 396 8.40 -11.77 -9.26
CA ASN A 396 8.28 -10.38 -9.76
C ASN A 396 9.04 -10.12 -11.06
N PRO A 397 8.57 -10.72 -12.14
CA PRO A 397 9.16 -10.47 -13.47
C PRO A 397 8.91 -9.08 -14.04
N GLU A 398 7.91 -8.37 -13.51
CA GLU A 398 7.59 -7.03 -14.01
C GLU A 398 8.76 -6.07 -13.79
N THR A 399 9.47 -6.21 -12.68
CA THR A 399 10.54 -5.27 -12.35
C THR A 399 11.60 -5.27 -13.45
N PRO A 400 11.90 -4.10 -14.03
CA PRO A 400 12.80 -4.06 -15.18
C PRO A 400 14.22 -4.51 -14.81
N GLY A 401 14.76 -5.42 -15.60
CA GLY A 401 16.10 -5.87 -15.46
C GLY A 401 16.28 -7.08 -14.59
N ARG A 402 15.29 -7.42 -13.76
CA ARG A 402 15.56 -8.36 -12.68
C ARG A 402 15.98 -9.71 -13.22
N TYR A 403 15.20 -10.29 -14.13
CA TYR A 403 15.50 -11.65 -14.56
C TYR A 403 16.79 -11.70 -15.38
N ALA A 404 17.03 -10.65 -16.17
CA ALA A 404 18.30 -10.58 -16.91
C ALA A 404 19.48 -10.44 -15.96
N SER A 405 19.32 -9.66 -14.88
CA SER A 405 20.40 -9.52 -13.89
C SER A 405 20.70 -10.84 -13.21
N ILE A 406 19.64 -11.51 -12.75
CA ILE A 406 19.78 -12.75 -11.99
C ILE A 406 20.51 -13.76 -12.85
N ALA A 407 20.17 -13.77 -14.15
CA ALA A 407 20.65 -14.81 -15.06
C ALA A 407 22.15 -14.69 -15.26
N LYS A 408 22.67 -13.45 -15.36
CA LYS A 408 24.11 -13.22 -15.39
C LYS A 408 24.77 -13.72 -14.13
N THR A 409 24.31 -13.26 -12.97
CA THR A 409 24.88 -13.69 -11.70
C THR A 409 24.95 -15.20 -11.60
N LEU A 410 23.87 -15.87 -11.97
CA LEU A 410 23.87 -17.32 -11.94
C LEU A 410 24.95 -17.89 -12.85
N ALA A 411 25.12 -17.30 -14.04
CA ALA A 411 26.16 -17.74 -14.95
C ALA A 411 27.55 -17.30 -14.49
N GLU A 412 27.68 -16.08 -13.99
CA GLU A 412 28.97 -15.59 -13.50
C GLU A 412 29.44 -16.37 -12.30
N HIS A 413 28.52 -16.94 -11.52
CA HIS A 413 28.90 -17.74 -10.38
C HIS A 413 28.76 -19.23 -10.65
N LYS A 414 28.52 -19.62 -11.92
CA LYS A 414 28.61 -20.98 -12.43
C LYS A 414 27.69 -21.95 -11.73
N VAL A 415 26.44 -21.55 -11.62
CA VAL A 415 25.41 -22.42 -11.07
C VAL A 415 24.90 -23.33 -12.17
N ASP A 416 24.74 -24.61 -11.84
CA ASP A 416 24.22 -25.62 -12.76
C ASP A 416 22.71 -25.70 -12.65
N TYR A 417 21.99 -25.04 -13.56
CA TYR A 417 20.54 -25.17 -13.61
C TYR A 417 20.13 -25.42 -15.06
N ASP A 418 18.91 -25.96 -15.23
CA ASP A 418 18.33 -26.29 -16.51
C ASP A 418 17.13 -25.42 -16.87
N VAL A 419 16.38 -24.96 -15.88
CA VAL A 419 15.15 -24.25 -16.12
C VAL A 419 15.21 -22.96 -15.33
N PHE A 420 14.90 -21.84 -15.96
CA PHE A 420 14.65 -20.60 -15.25
C PHE A 420 13.13 -20.45 -15.10
N ALA A 421 12.64 -20.61 -13.87
CA ALA A 421 11.21 -20.65 -13.57
C ALA A 421 10.75 -19.36 -12.90
N SER A 422 9.58 -18.89 -13.33
CA SER A 422 8.99 -17.66 -12.87
C SER A 422 7.65 -17.96 -12.19
N SER A 423 7.39 -17.22 -11.12
CA SER A 423 6.05 -17.01 -10.63
C SER A 423 5.35 -16.01 -11.55
N TYR A 424 4.12 -16.34 -12.01
CA TYR A 424 3.33 -15.36 -12.76
C TYR A 424 1.89 -15.39 -12.23
N TYR A 425 1.66 -14.75 -11.09
CA TYR A 425 0.28 -14.48 -10.68
C TYR A 425 -0.19 -13.21 -11.38
N PRO A 426 -1.20 -13.29 -12.27
CA PRO A 426 -1.51 -12.13 -13.12
C PRO A 426 -1.93 -10.86 -12.42
N PHE A 427 -2.38 -10.92 -11.15
CA PHE A 427 -2.79 -9.69 -10.48
C PHE A 427 -1.63 -8.90 -9.87
N TRP A 428 -0.43 -9.48 -9.80
CA TRP A 428 0.73 -8.79 -9.27
C TRP A 428 1.94 -8.68 -10.21
N HIS A 429 2.04 -9.48 -11.26
CA HIS A 429 3.29 -9.69 -11.97
C HIS A 429 3.28 -9.25 -13.45
N GLY A 430 2.44 -8.31 -13.82
CA GLY A 430 2.66 -7.53 -15.02
C GLY A 430 2.15 -8.16 -16.29
N THR A 431 2.60 -7.56 -17.40
CA THR A 431 2.08 -7.94 -18.70
C THR A 431 2.53 -9.34 -19.11
N LEU A 432 1.72 -9.97 -19.95
CA LEU A 432 2.06 -11.25 -20.52
C LEU A 432 3.23 -11.11 -21.49
N ALA A 433 3.40 -9.91 -22.05
CA ALA A 433 4.51 -9.70 -22.96
C ALA A 433 5.82 -9.58 -22.20
N ASN A 434 5.80 -8.98 -21.01
CA ASN A 434 6.98 -9.07 -20.15
C ASN A 434 7.36 -10.53 -19.87
N LEU A 435 6.40 -11.34 -19.48
CA LEU A 435 6.70 -12.73 -19.13
C LEU A 435 7.44 -13.41 -20.26
N THR A 436 6.88 -13.34 -21.45
CA THR A 436 7.53 -13.95 -22.60
C THR A 436 8.88 -13.30 -22.90
N SER A 437 8.93 -11.98 -22.90
CA SER A 437 10.17 -11.32 -23.26
C SER A 437 11.30 -11.78 -22.31
N VAL A 438 11.09 -11.63 -21.00
CA VAL A 438 12.16 -11.83 -20.02
C VAL A 438 12.55 -13.29 -19.96
N LEU A 439 11.56 -14.19 -20.10
CA LEU A 439 11.83 -15.62 -20.14
C LEU A 439 12.53 -15.99 -21.44
N LYS A 440 12.05 -15.47 -22.58
CA LYS A 440 12.79 -15.55 -23.85
C LYS A 440 14.25 -15.17 -23.67
N TYR A 441 14.51 -13.94 -23.25
CA TYR A 441 15.88 -13.46 -23.12
C TYR A 441 16.73 -14.49 -22.38
N VAL A 442 16.35 -14.82 -21.14
CA VAL A 442 17.14 -15.75 -20.35
C VAL A 442 17.41 -17.04 -21.12
N ALA A 443 16.35 -17.61 -21.69
CA ALA A 443 16.49 -18.87 -22.41
C ALA A 443 17.37 -18.74 -23.66
N ASN A 444 17.21 -17.67 -24.43
CA ASN A 444 18.04 -17.49 -25.62
C ASN A 444 19.43 -17.01 -25.26
N THR A 445 19.55 -16.17 -24.22
CA THR A 445 20.87 -15.63 -23.88
C THR A 445 21.73 -16.62 -23.14
N TYR A 446 21.14 -17.43 -22.27
CA TYR A 446 21.95 -18.35 -21.49
C TYR A 446 21.62 -19.80 -21.76
N LEU A 447 20.88 -20.10 -22.82
CA LEU A 447 20.62 -21.47 -23.27
C LEU A 447 19.98 -22.33 -22.18
N LYS A 448 19.04 -21.74 -21.46
CA LYS A 448 18.28 -22.41 -20.42
C LYS A 448 16.84 -22.60 -20.91
N LYS A 449 16.04 -23.23 -20.08
CA LYS A 449 14.64 -23.49 -20.38
C LYS A 449 13.81 -22.61 -19.47
N VAL A 450 12.62 -22.25 -19.90
CA VAL A 450 11.78 -21.37 -19.10
C VAL A 450 10.44 -22.04 -18.86
N MET A 451 9.81 -21.66 -17.75
CA MET A 451 8.48 -22.11 -17.38
C MET A 451 7.95 -21.22 -16.29
N VAL A 452 6.63 -21.23 -16.16
CA VAL A 452 5.92 -20.61 -15.06
C VAL A 452 5.65 -21.69 -14.01
N ALA A 453 6.06 -21.45 -12.75
CA ALA A 453 5.90 -22.45 -11.72
C ALA A 453 4.69 -22.21 -10.83
N GLU A 454 4.16 -20.99 -10.81
CA GLU A 454 2.99 -20.64 -10.02
C GLU A 454 2.20 -19.62 -10.82
N THR A 455 0.92 -19.93 -11.08
CA THR A 455 -0.05 -19.00 -11.62
C THR A 455 -1.44 -19.35 -11.09
N SER A 456 -2.30 -18.36 -10.92
CA SER A 456 -3.62 -18.58 -10.36
C SER A 456 -4.50 -17.36 -10.64
N TYR A 457 -5.82 -17.55 -10.64
CA TYR A 457 -6.75 -16.44 -10.83
C TYR A 457 -8.05 -16.78 -10.13
N PRO A 458 -8.70 -15.79 -9.51
CA PRO A 458 -9.93 -16.08 -8.75
C PRO A 458 -11.09 -16.37 -9.70
N TYR A 459 -11.99 -17.26 -9.27
CA TYR A 459 -13.27 -17.51 -9.96
C TYR A 459 -14.48 -16.86 -9.28
N THR A 460 -14.36 -16.39 -8.04
CA THR A 460 -15.45 -15.83 -7.24
C THR A 460 -14.90 -14.76 -6.30
N THR A 461 -15.74 -13.75 -6.03
CA THR A 461 -15.36 -12.79 -5.01
C THR A 461 -15.47 -13.39 -3.60
N GLU A 462 -16.15 -14.53 -3.51
CA GLU A 462 -16.66 -15.06 -2.26
C GLU A 462 -15.60 -15.88 -1.52
N ASP A 463 -15.74 -15.94 -0.22
CA ASP A 463 -14.88 -16.77 0.60
C ASP A 463 -15.66 -18.00 1.02
N GLY A 464 -14.97 -19.14 1.08
CA GLY A 464 -15.55 -20.37 1.51
C GLY A 464 -15.23 -20.86 2.90
N ASP A 465 -14.33 -20.22 3.65
CA ASP A 465 -13.91 -20.81 4.91
C ASP A 465 -13.77 -19.80 6.06
N GLY A 466 -13.94 -18.51 5.80
CA GLY A 466 -14.04 -17.53 6.84
C GLY A 466 -12.79 -16.74 7.05
N HIS A 467 -11.77 -16.99 6.24
CA HIS A 467 -10.45 -16.40 6.29
C HIS A 467 -10.25 -15.61 5.01
N GLU A 468 -9.94 -14.31 5.14
CA GLU A 468 -9.87 -13.42 3.99
C GLU A 468 -8.94 -13.99 2.92
N ASN A 469 -9.41 -13.95 1.67
CA ASN A 469 -8.63 -14.47 0.55
C ASN A 469 -7.78 -13.39 -0.07
N THR A 470 -6.86 -13.80 -0.92
CA THR A 470 -5.74 -12.94 -1.31
C THR A 470 -6.02 -12.15 -2.58
N ALA A 471 -6.93 -12.67 -3.41
CA ALA A 471 -7.48 -11.93 -4.52
C ALA A 471 -8.86 -12.48 -4.77
N PRO A 472 -9.75 -11.71 -5.35
CA PRO A 472 -9.60 -10.35 -5.89
C PRO A 472 -9.48 -9.39 -4.76
N LYS A 473 -8.81 -8.27 -5.01
CA LYS A 473 -8.79 -7.13 -4.11
C LYS A 473 -8.86 -5.85 -4.90
N SER A 474 -9.69 -4.92 -4.40
CA SER A 474 -9.89 -3.65 -5.08
C SER A 474 -8.64 -2.78 -5.02
N SER A 475 -7.87 -2.91 -3.93
CA SER A 475 -6.94 -1.86 -3.58
C SER A 475 -5.67 -1.90 -4.43
N GLY A 476 -5.18 -3.09 -4.78
CA GLY A 476 -3.83 -3.07 -5.32
C GLY A 476 -3.40 -4.11 -6.33
N GLN A 477 -4.28 -4.49 -7.25
CA GLN A 477 -4.01 -5.61 -8.13
C GLN A 477 -4.52 -5.28 -9.52
N THR A 478 -3.89 -5.88 -10.54
CA THR A 478 -4.28 -5.66 -11.94
C THR A 478 -5.11 -6.86 -12.39
N LEU A 479 -6.42 -6.74 -12.20
CA LEU A 479 -7.38 -7.76 -12.61
C LEU A 479 -7.94 -7.34 -13.97
N ASN A 480 -7.45 -8.01 -15.04
CA ASN A 480 -7.86 -7.68 -16.39
C ASN A 480 -8.72 -8.78 -17.00
N TYR A 481 -9.10 -9.77 -16.21
CA TYR A 481 -10.04 -10.80 -16.60
C TYR A 481 -11.19 -10.73 -15.60
N PRO A 482 -12.42 -11.09 -16.00
CA PRO A 482 -13.53 -11.09 -15.05
C PRO A 482 -13.35 -12.11 -13.94
N ILE A 483 -13.86 -11.79 -12.78
CA ILE A 483 -13.79 -12.71 -11.67
C ILE A 483 -14.90 -13.74 -11.83
N THR A 484 -14.78 -14.56 -12.87
CA THR A 484 -15.73 -15.62 -13.18
C THR A 484 -14.95 -16.84 -13.62
N VAL A 485 -15.62 -17.98 -13.74
CA VAL A 485 -14.88 -19.18 -14.12
C VAL A 485 -14.28 -19.00 -15.51
N GLN A 486 -15.01 -18.36 -16.42
CA GLN A 486 -14.45 -18.10 -17.75
C GLN A 486 -13.22 -17.22 -17.66
N GLY A 487 -13.27 -16.14 -16.87
CA GLY A 487 -12.12 -15.27 -16.76
C GLY A 487 -10.93 -16.01 -16.20
N GLN A 488 -11.17 -16.86 -15.19
CA GLN A 488 -10.14 -17.76 -14.70
C GLN A 488 -9.54 -18.57 -15.85
N ALA A 489 -10.40 -19.28 -16.60
CA ALA A 489 -9.94 -20.10 -17.72
C ALA A 489 -9.13 -19.29 -18.74
N ASN A 490 -9.59 -18.08 -19.07
CA ASN A 490 -8.86 -17.33 -20.08
C ASN A 490 -7.53 -16.83 -19.56
N ALA A 491 -7.42 -16.63 -18.24
CA ALA A 491 -6.12 -16.24 -17.70
C ALA A 491 -5.14 -17.39 -17.85
N ILE A 492 -5.54 -18.60 -17.45
CA ILE A 492 -4.63 -19.75 -17.50
C ILE A 492 -4.19 -20.01 -18.94
N ARG A 493 -5.13 -19.93 -19.88
CA ARG A 493 -4.76 -20.04 -21.29
C ARG A 493 -3.70 -19.00 -21.63
N ASP A 494 -3.90 -17.75 -21.19
CA ASP A 494 -3.01 -16.67 -21.62
C ASP A 494 -1.61 -16.83 -21.05
N VAL A 495 -1.50 -17.43 -19.86
CA VAL A 495 -0.15 -17.65 -19.35
C VAL A 495 0.48 -18.87 -20.03
N ILE A 496 -0.34 -19.81 -20.52
CA ILE A 496 0.20 -20.89 -21.34
C ILE A 496 0.69 -20.34 -22.67
N GLN A 497 -0.07 -19.42 -23.28
CA GLN A 497 0.40 -18.84 -24.55
C GLN A 497 1.61 -17.95 -24.34
N ALA A 498 1.74 -17.31 -23.18
CA ALA A 498 2.93 -16.50 -23.00
C ALA A 498 4.17 -17.38 -22.87
N VAL A 499 4.05 -18.52 -22.19
CA VAL A 499 5.15 -19.46 -22.12
C VAL A 499 5.37 -20.13 -23.47
N ALA A 500 4.29 -20.58 -24.11
CA ALA A 500 4.39 -21.10 -25.48
C ALA A 500 5.15 -20.13 -26.38
N ALA A 501 4.87 -18.82 -26.30
CA ALA A 501 5.46 -17.85 -27.23
C ALA A 501 6.96 -17.72 -27.07
N VAL A 502 7.52 -18.25 -25.98
CA VAL A 502 8.97 -18.19 -25.78
C VAL A 502 9.69 -18.96 -26.87
N GLY A 503 9.14 -20.09 -27.28
CA GLY A 503 9.74 -21.02 -28.21
C GLY A 503 9.75 -22.39 -27.61
N LYS A 504 10.56 -23.28 -28.18
CA LYS A 504 10.80 -24.56 -27.53
C LYS A 504 11.35 -24.44 -26.11
N PRO A 505 12.01 -23.35 -25.71
CA PRO A 505 12.32 -23.17 -24.28
C PRO A 505 11.13 -23.23 -23.33
N GLY A 506 9.94 -22.76 -23.70
CA GLY A 506 8.78 -22.87 -22.81
C GLY A 506 8.35 -24.31 -22.66
N ILE A 507 8.49 -24.86 -21.46
CA ILE A 507 8.30 -26.29 -21.25
C ILE A 507 7.02 -26.60 -20.47
N GLY A 508 6.36 -25.59 -19.93
CA GLY A 508 5.10 -25.83 -19.23
C GLY A 508 4.72 -24.72 -18.28
N VAL A 509 3.55 -24.91 -17.66
CA VAL A 509 2.99 -24.01 -16.65
C VAL A 509 2.32 -24.87 -15.58
N PHE A 510 2.55 -24.54 -14.31
CA PHE A 510 1.93 -25.23 -13.19
C PHE A 510 0.91 -24.29 -12.54
N TYR A 511 -0.32 -24.74 -12.35
CA TYR A 511 -1.27 -23.93 -11.60
C TYR A 511 -1.02 -24.16 -10.12
N TRP A 512 -1.17 -23.10 -9.31
CA TRP A 512 -0.84 -23.21 -7.89
C TRP A 512 -2.08 -23.49 -7.06
N GLU A 513 -1.97 -24.45 -6.14
CA GLU A 513 -3.07 -24.86 -5.26
C GLU A 513 -4.41 -24.80 -5.96
N PRO A 514 -4.65 -25.60 -6.97
CA PRO A 514 -5.92 -25.54 -7.71
C PRO A 514 -7.11 -26.03 -6.92
N ALA A 515 -6.91 -26.49 -5.67
CA ALA A 515 -7.93 -27.14 -4.90
C ALA A 515 -7.67 -26.94 -3.40
N TRP A 516 -7.49 -25.70 -2.99
CA TRP A 516 -7.43 -25.42 -1.56
C TRP A 516 -8.80 -25.02 -1.04
N ILE A 517 -9.75 -25.91 -1.27
CA ILE A 517 -11.16 -25.64 -1.04
C ILE A 517 -11.39 -25.55 0.47
N PRO A 518 -12.58 -25.15 0.93
CA PRO A 518 -12.73 -24.89 2.37
C PRO A 518 -12.95 -26.17 3.16
N VAL A 519 -12.61 -26.12 4.43
CA VAL A 519 -12.86 -27.24 5.33
C VAL A 519 -14.33 -27.26 5.73
N GLY A 520 -14.95 -26.08 5.82
CA GLY A 520 -16.32 -25.94 6.23
C GLY A 520 -16.83 -24.55 5.86
N PRO A 521 -18.17 -24.39 5.76
CA PRO A 521 -18.72 -23.11 5.35
C PRO A 521 -18.28 -22.02 6.31
N PRO A 522 -18.32 -20.77 5.87
CA PRO A 522 -17.63 -19.72 6.62
C PRO A 522 -18.23 -19.43 7.99
N GLU A 523 -19.52 -19.71 8.18
CA GLU A 523 -20.14 -19.44 9.48
C GLU A 523 -19.55 -20.32 10.56
N GLN A 524 -18.99 -21.48 10.17
CA GLN A 524 -18.47 -22.49 11.09
C GLN A 524 -17.03 -22.19 11.52
N LEU A 525 -16.80 -20.97 12.01
CA LEU A 525 -15.43 -20.48 12.12
C LEU A 525 -14.69 -21.18 13.26
N LYS A 526 -15.28 -21.20 14.46
CA LYS A 526 -14.62 -21.87 15.58
C LYS A 526 -14.33 -23.33 15.26
N GLN A 527 -15.29 -24.03 14.62
CA GLN A 527 -15.11 -25.43 14.24
C GLN A 527 -14.06 -25.55 13.15
N ASN A 528 -14.03 -24.57 12.25
CA ASN A 528 -13.01 -24.53 11.22
C ASN A 528 -11.62 -24.35 11.82
N GLU A 529 -11.44 -23.30 12.66
CA GLU A 529 -10.14 -23.05 13.31
C GLU A 529 -9.51 -24.32 13.87
N LYS A 530 -10.31 -25.13 14.55
CA LYS A 530 -9.81 -26.37 15.14
C LYS A 530 -9.17 -27.25 14.08
N LYS A 531 -9.84 -27.42 12.95
CA LYS A 531 -9.29 -28.26 11.89
C LYS A 531 -8.01 -27.66 11.32
N TRP A 532 -8.05 -26.36 11.01
CA TRP A 532 -6.87 -25.68 10.49
C TRP A 532 -5.72 -25.78 11.46
N GLU A 533 -6.02 -25.61 12.75
CA GLU A 533 -5.01 -25.61 13.79
C GLU A 533 -4.52 -27.01 14.11
N LYS A 534 -5.39 -28.01 13.99
CA LYS A 534 -4.99 -29.34 14.35
C LYS A 534 -4.67 -30.23 13.17
N TYR A 535 -4.87 -29.77 11.94
CA TYR A 535 -4.43 -30.57 10.80
C TYR A 535 -3.59 -29.80 9.80
N GLY A 536 -3.28 -28.52 10.05
CA GLY A 536 -2.60 -27.66 9.10
C GLY A 536 -3.35 -27.50 7.79
N SER A 537 -4.68 -27.39 7.86
CA SER A 537 -5.57 -27.20 6.71
C SER A 537 -5.55 -25.79 6.16
N GLY A 538 -4.88 -24.85 6.81
CA GLY A 538 -4.83 -23.48 6.32
C GLY A 538 -3.41 -23.06 5.96
N TRP A 539 -3.29 -21.81 5.56
CA TRP A 539 -1.99 -21.27 5.19
C TRP A 539 -0.99 -21.31 6.35
N ALA A 540 -1.43 -21.05 7.59
CA ALA A 540 -0.54 -21.22 8.75
C ALA A 540 -1.40 -21.43 9.98
N SER A 541 -0.74 -21.79 11.07
CA SER A 541 -1.36 -22.01 12.38
C SER A 541 -0.57 -21.25 13.43
N SER A 542 -1.12 -21.18 14.64
CA SER A 542 -0.47 -20.37 15.66
C SER A 542 0.91 -20.88 15.99
N PHE A 543 1.16 -22.17 15.79
CA PHE A 543 2.42 -22.77 16.16
C PHE A 543 3.55 -22.23 15.29
N ALA A 544 3.21 -21.83 14.07
CA ALA A 544 4.11 -21.19 13.15
C ALA A 544 4.53 -19.78 13.58
N ALA A 545 3.79 -19.12 14.51
CA ALA A 545 4.14 -17.75 14.92
C ALA A 545 5.57 -17.63 15.47
N GLU A 546 6.14 -18.73 15.95
CA GLU A 546 7.53 -18.75 16.40
C GLU A 546 8.53 -18.56 15.25
N TYR A 547 8.21 -19.10 14.06
CA TYR A 547 9.07 -19.18 12.89
C TYR A 547 8.79 -18.10 11.86
N ASP A 548 7.52 -17.90 11.51
CA ASP A 548 7.10 -16.88 10.55
C ASP A 548 6.25 -15.81 11.24
N PRO A 549 6.76 -14.58 11.32
CA PRO A 549 5.99 -13.54 12.02
C PRO A 549 4.58 -13.39 11.46
N ASP A 550 4.46 -13.37 10.13
CA ASP A 550 3.16 -13.18 9.48
C ASP A 550 2.12 -14.17 9.99
N ALA A 551 2.57 -15.29 10.54
CA ALA A 551 1.64 -16.28 11.07
C ALA A 551 0.98 -15.78 12.36
N ALA A 552 1.75 -15.17 13.26
CA ALA A 552 1.16 -14.66 14.49
C ALA A 552 -0.06 -13.79 14.21
N MET A 553 0.09 -12.84 13.28
CA MET A 553 -0.95 -11.87 12.97
C MET A 553 -2.15 -12.52 12.29
N TRP A 554 -1.89 -13.40 11.31
CA TRP A 554 -2.95 -13.86 10.41
C TRP A 554 -3.16 -15.36 10.39
N HIS A 555 -2.71 -16.11 11.40
CA HIS A 555 -2.88 -17.57 11.31
C HIS A 555 -4.34 -17.93 11.07
N GLY A 556 -4.57 -19.02 10.35
CA GLY A 556 -5.92 -19.28 9.89
C GLY A 556 -6.07 -20.30 8.76
N GLY A 557 -7.03 -20.08 7.86
CA GLY A 557 -7.31 -21.02 6.79
C GLY A 557 -6.84 -20.61 5.41
N SER A 558 -7.63 -20.92 4.38
CA SER A 558 -7.18 -20.80 3.00
C SER A 558 -7.43 -19.41 2.44
N ALA A 559 -6.43 -18.81 1.79
CA ALA A 559 -6.66 -17.53 1.14
C ALA A 559 -6.75 -17.65 -0.38
N VAL A 560 -6.78 -18.88 -0.89
CA VAL A 560 -6.80 -19.24 -2.30
C VAL A 560 -8.05 -20.04 -2.64
N ASP A 561 -9.03 -20.08 -1.74
CA ASP A 561 -10.14 -21.00 -2.00
C ASP A 561 -11.01 -20.50 -3.16
N ASN A 562 -10.95 -19.19 -3.48
CA ASN A 562 -11.64 -18.62 -4.63
C ASN A 562 -10.79 -18.72 -5.87
N GLN A 563 -9.55 -19.15 -5.73
CA GLN A 563 -8.68 -19.28 -6.87
C GLN A 563 -8.50 -20.73 -7.24
N ALA A 564 -9.29 -21.62 -6.63
CA ALA A 564 -9.17 -23.03 -6.93
C ALA A 564 -9.96 -23.37 -8.18
N LEU A 565 -9.52 -24.44 -8.85
CA LEU A 565 -10.26 -24.93 -10.00
C LEU A 565 -11.30 -25.98 -9.59
N PHE A 566 -11.54 -26.14 -8.29
CA PHE A 566 -12.60 -26.97 -7.72
C PHE A 566 -13.57 -26.06 -6.97
N ASP A 567 -14.85 -26.41 -6.89
CA ASP A 567 -15.73 -25.48 -6.19
C ASP A 567 -15.57 -25.60 -4.67
N PHE A 568 -16.41 -24.89 -3.91
CA PHE A 568 -16.35 -24.91 -2.45
C PHE A 568 -16.75 -26.23 -1.84
N ASN A 569 -17.47 -27.06 -2.59
CA ASN A 569 -18.01 -28.35 -2.14
C ASN A 569 -17.27 -29.52 -2.76
N GLY A 570 -16.10 -29.30 -3.35
CA GLY A 570 -15.28 -30.38 -3.83
C GLY A 570 -15.48 -30.79 -5.29
N ARG A 571 -16.57 -30.36 -5.96
CA ARG A 571 -16.80 -30.71 -7.36
C ARG A 571 -15.86 -29.92 -8.26
N PRO A 572 -15.36 -30.51 -9.37
CA PRO A 572 -14.59 -29.72 -10.33
C PRO A 572 -15.40 -28.55 -10.91
N LEU A 573 -14.68 -27.48 -11.22
CA LEU A 573 -15.23 -26.36 -11.95
C LEU A 573 -14.91 -26.52 -13.43
N PRO A 574 -15.73 -25.95 -14.31
CA PRO A 574 -15.44 -26.09 -15.75
C PRO A 574 -14.03 -25.70 -16.14
N SER A 575 -13.43 -24.69 -15.49
CA SER A 575 -12.10 -24.20 -15.87
C SER A 575 -10.98 -25.22 -15.71
N LEU A 576 -11.17 -26.28 -14.90
CA LEU A 576 -10.17 -27.31 -14.76
C LEU A 576 -9.86 -27.99 -16.08
N ASN A 577 -10.78 -27.90 -17.03
CA ASN A 577 -10.61 -28.45 -18.37
C ASN A 577 -9.81 -27.55 -19.31
N VAL A 578 -9.35 -26.39 -18.85
CA VAL A 578 -8.53 -25.52 -19.69
C VAL A 578 -7.33 -26.29 -20.24
N PHE A 579 -6.80 -27.24 -19.47
CA PHE A 579 -5.61 -27.94 -19.89
C PHE A 579 -5.89 -28.86 -21.07
N LYS A 580 -7.14 -29.34 -21.18
CA LYS A 580 -7.58 -30.06 -22.37
C LYS A 580 -7.73 -29.09 -23.56
N TYR A 581 -8.47 -27.99 -23.34
CA TYR A 581 -8.91 -27.10 -24.41
C TYR A 581 -7.80 -26.26 -24.99
N VAL A 582 -6.61 -26.28 -24.40
CA VAL A 582 -5.59 -25.40 -24.93
C VAL A 582 -5.09 -25.92 -26.26
N ASP A 583 -5.23 -27.23 -26.52
CA ASP A 583 -4.85 -27.79 -27.82
C ASP A 583 -6.00 -27.88 -28.82
N THR A 584 -7.24 -27.98 -28.35
CA THR A 584 -8.42 -28.21 -29.16
C THR A 584 -9.10 -26.91 -29.57
N GLY A 585 -9.48 -26.09 -28.58
CA GLY A 585 -10.17 -24.84 -28.81
C GLY A 585 -11.44 -24.74 -28.00
N ASP B 202 -17.34 33.21 7.67
CA ASP B 202 -16.59 32.06 8.20
C ASP B 202 -15.35 31.72 7.31
N ILE B 203 -15.53 31.78 5.99
CA ILE B 203 -14.53 31.34 5.02
C ILE B 203 -14.16 32.48 4.07
N PHE B 204 -12.86 32.67 3.89
CA PHE B 204 -12.26 33.67 3.01
C PHE B 204 -11.21 32.98 2.16
N VAL B 205 -11.24 33.21 0.86
CA VAL B 205 -10.28 32.55 0.01
C VAL B 205 -9.64 33.63 -0.84
N LYS B 206 -8.41 33.37 -1.33
CA LYS B 206 -7.70 34.39 -2.09
C LYS B 206 -8.19 34.45 -3.52
N ARG B 207 -8.13 35.64 -4.08
CA ARG B 207 -8.64 35.89 -5.42
C ARG B 207 -7.75 35.19 -6.44
N VAL B 208 -8.36 34.49 -7.39
CA VAL B 208 -7.58 33.84 -8.44
C VAL B 208 -7.41 34.86 -9.55
N ASP B 209 -6.17 35.02 -10.01
CA ASP B 209 -5.83 35.99 -11.04
C ASP B 209 -6.09 35.40 -12.41
N GLY B 210 -6.92 36.07 -13.20
CA GLY B 210 -7.05 35.76 -14.62
C GLY B 210 -8.28 34.97 -14.99
N LEU B 211 -9.16 34.71 -14.03
CA LEU B 211 -10.38 34.01 -14.32
C LEU B 211 -11.21 34.75 -15.37
N SER B 212 -11.56 34.04 -16.45
CA SER B 212 -12.53 34.58 -17.38
C SER B 212 -13.92 34.61 -16.76
N LYS B 213 -14.76 35.50 -17.33
CA LYS B 213 -16.19 35.49 -17.05
C LYS B 213 -16.84 34.16 -17.40
N GLU B 214 -16.27 33.43 -18.36
CA GLU B 214 -16.84 32.20 -18.89
C GLU B 214 -16.22 30.96 -18.26
N PHE B 215 -15.27 31.16 -17.35
CA PHE B 215 -14.56 30.08 -16.67
C PHE B 215 -15.57 29.09 -16.12
N ILE B 216 -15.32 27.80 -16.36
CA ILE B 216 -16.29 26.77 -16.03
C ILE B 216 -16.15 26.43 -14.55
N LYS B 217 -17.14 26.84 -13.77
CA LYS B 217 -17.24 26.50 -12.36
C LYS B 217 -18.35 25.48 -12.24
N GLY B 218 -18.00 24.18 -12.21
CA GLY B 218 -18.98 23.14 -12.37
C GLY B 218 -19.06 22.22 -11.16
N VAL B 219 -20.14 21.43 -11.12
CA VAL B 219 -20.29 20.37 -10.13
C VAL B 219 -20.89 19.14 -10.80
N ASP B 220 -20.42 17.95 -10.41
CA ASP B 220 -20.99 16.70 -10.88
C ASP B 220 -21.92 16.23 -9.77
N VAL B 221 -23.21 16.52 -9.89
CA VAL B 221 -24.22 16.14 -8.91
C VAL B 221 -24.97 14.86 -9.30
N SER B 222 -24.27 13.88 -9.90
CA SER B 222 -24.99 12.76 -10.50
C SER B 222 -25.71 11.89 -9.48
N SER B 223 -25.39 12.02 -8.20
CA SER B 223 -26.05 11.24 -7.15
C SER B 223 -27.37 11.86 -6.69
N ILE B 224 -27.72 13.05 -7.20
CA ILE B 224 -28.83 13.82 -6.65
C ILE B 224 -30.13 13.00 -6.66
N ILE B 225 -30.54 12.46 -7.83
CA ILE B 225 -31.83 11.78 -7.95
C ILE B 225 -31.99 10.66 -6.92
N ALA B 226 -30.99 9.77 -6.82
CA ALA B 226 -31.18 8.65 -5.90
C ALA B 226 -31.11 9.09 -4.46
N LEU B 227 -30.32 10.11 -4.16
CA LEU B 227 -30.41 10.70 -2.83
C LEU B 227 -31.82 11.21 -2.59
N GLU B 228 -32.38 11.89 -3.58
CA GLU B 228 -33.73 12.45 -3.45
C GLU B 228 -34.78 11.34 -3.42
N ASP B 229 -34.55 10.27 -4.20
CA ASP B 229 -35.42 9.10 -4.14
C ASP B 229 -35.34 8.38 -2.81
N SER B 230 -34.35 8.69 -2.00
CA SER B 230 -34.22 8.09 -0.69
C SER B 230 -34.57 9.06 0.42
N GLY B 231 -35.21 10.18 0.09
CA GLY B 231 -35.67 11.09 1.10
C GLY B 231 -34.65 12.05 1.65
N VAL B 232 -33.52 12.21 0.97
CA VAL B 232 -32.63 13.30 1.30
C VAL B 232 -33.29 14.62 0.93
N LYS B 233 -33.09 15.63 1.78
CA LYS B 233 -33.63 16.98 1.58
C LYS B 233 -32.49 17.97 1.72
N PHE B 234 -32.38 18.87 0.75
CA PHE B 234 -31.31 19.87 0.71
C PHE B 234 -31.89 21.23 1.02
N TYR B 235 -31.29 21.94 1.97
CA TYR B 235 -31.79 23.26 2.35
C TYR B 235 -30.86 24.36 1.83
N ASN B 236 -30.99 25.57 2.42
CA ASN B 236 -30.12 26.74 2.22
C ASN B 236 -29.40 27.12 3.52
N ALA B 237 -28.65 28.22 3.45
CA ALA B 237 -27.89 28.68 4.62
C ALA B 237 -28.83 29.08 5.76
N ALA B 238 -30.03 29.59 5.44
CA ALA B 238 -31.02 29.97 6.43
C ALA B 238 -31.74 28.77 7.05
N GLY B 239 -31.67 27.59 6.42
CA GLY B 239 -32.36 26.43 6.88
C GLY B 239 -33.75 26.23 6.30
N LYS B 240 -34.05 26.87 5.18
CA LYS B 240 -35.30 26.67 4.49
C LYS B 240 -35.05 25.75 3.30
N LYS B 241 -35.96 24.81 3.06
CA LYS B 241 -35.82 23.90 1.92
C LYS B 241 -35.60 24.66 0.62
N GLN B 242 -34.57 24.26 -0.13
CA GLN B 242 -34.20 24.93 -1.36
C GLN B 242 -33.53 23.92 -2.28
N ASP B 243 -34.08 23.74 -3.48
CA ASP B 243 -33.49 22.84 -4.45
C ASP B 243 -31.99 23.08 -4.57
N ILE B 244 -31.24 21.97 -4.58
CA ILE B 244 -29.80 22.04 -4.68
C ILE B 244 -29.39 22.88 -5.90
N PHE B 245 -30.16 22.81 -6.99
CA PHE B 245 -29.78 23.56 -8.19
C PHE B 245 -30.05 25.04 -8.06
N LYS B 246 -31.06 25.43 -7.26
CA LYS B 246 -31.16 26.84 -6.91
C LYS B 246 -29.93 27.27 -6.12
N THR B 247 -29.64 26.57 -5.03
CA THR B 247 -28.48 26.92 -4.20
C THR B 247 -27.22 26.99 -5.04
N LEU B 248 -27.08 26.04 -5.97
CA LEU B 248 -25.91 25.98 -6.82
C LEU B 248 -25.78 27.23 -7.68
N LYS B 249 -26.90 27.68 -8.25
CA LYS B 249 -26.88 28.91 -9.05
C LYS B 249 -26.39 30.07 -8.21
N GLU B 250 -27.01 30.27 -7.03
CA GLU B 250 -26.70 31.42 -6.20
C GLU B 250 -25.24 31.45 -5.75
N ALA B 251 -24.53 30.32 -5.88
CA ALA B 251 -23.16 30.19 -5.45
C ALA B 251 -22.17 30.43 -6.58
N GLY B 252 -22.64 30.50 -7.82
CA GLY B 252 -21.81 30.87 -8.93
C GLY B 252 -21.47 29.74 -9.87
N ILE B 253 -22.14 28.62 -9.74
CA ILE B 253 -21.84 27.45 -10.54
C ILE B 253 -22.56 27.57 -11.88
N ASN B 254 -21.81 27.50 -12.98
CA ASN B 254 -22.37 27.66 -14.32
C ASN B 254 -22.57 26.32 -15.02
N TYR B 255 -22.12 25.21 -14.42
CA TYR B 255 -22.07 23.96 -15.15
C TYR B 255 -22.42 22.79 -14.22
N VAL B 256 -22.99 21.74 -14.80
CA VAL B 256 -23.26 20.50 -14.09
C VAL B 256 -22.70 19.35 -14.90
N ARG B 257 -22.08 18.36 -14.25
CA ARG B 257 -21.55 17.19 -14.92
C ARG B 257 -22.28 15.93 -14.48
N VAL B 258 -22.68 15.12 -15.44
CA VAL B 258 -23.45 13.91 -15.16
C VAL B 258 -22.76 12.70 -15.81
N ARG B 259 -22.69 11.60 -15.08
CA ARG B 259 -22.19 10.35 -15.62
C ARG B 259 -23.36 9.57 -16.19
N VAL B 260 -23.13 8.90 -17.30
CA VAL B 260 -24.14 8.06 -17.92
C VAL B 260 -23.56 6.67 -18.03
N TRP B 261 -24.33 5.65 -17.59
CA TRP B 261 -23.97 4.25 -17.75
C TRP B 261 -24.97 3.62 -18.70
N ASN B 262 -24.53 2.71 -19.57
CA ASN B 262 -25.45 2.24 -20.60
C ASN B 262 -26.52 1.33 -20.03
N ASP B 263 -26.21 0.55 -18.99
CA ASP B 263 -27.25 -0.17 -18.26
C ASP B 263 -26.85 -0.40 -16.83
N PRO B 264 -26.93 0.64 -15.99
CA PRO B 264 -26.51 0.54 -14.59
C PRO B 264 -27.43 -0.31 -13.70
N TYR B 265 -27.99 -1.38 -14.26
CA TYR B 265 -29.01 -2.16 -13.57
C TYR B 265 -28.72 -3.65 -13.81
N ASP B 266 -29.29 -4.49 -12.95
CA ASP B 266 -29.07 -5.93 -13.10
C ASP B 266 -30.20 -6.57 -13.89
N ALA B 267 -30.20 -7.92 -13.89
CA ALA B 267 -31.05 -8.66 -14.81
C ALA B 267 -32.53 -8.46 -14.47
N LYS B 268 -32.86 -8.57 -13.19
CA LYS B 268 -34.19 -8.33 -12.64
C LYS B 268 -34.52 -6.83 -12.51
N GLY B 269 -33.61 -5.93 -12.90
CA GLY B 269 -33.80 -4.50 -12.80
C GLY B 269 -33.27 -3.79 -11.55
N HIS B 270 -32.75 -4.52 -10.57
CA HIS B 270 -32.17 -3.90 -9.39
C HIS B 270 -30.91 -3.11 -9.76
N GLY B 271 -30.79 -1.89 -9.24
CA GLY B 271 -29.76 -0.98 -9.72
C GLY B 271 -28.40 -1.25 -9.09
N TYR B 272 -27.36 -1.04 -9.90
CA TYR B 272 -25.99 -1.29 -9.48
C TYR B 272 -25.59 -0.36 -8.32
N GLY B 273 -26.14 0.85 -8.28
CA GLY B 273 -25.77 1.80 -7.28
C GLY B 273 -25.19 3.04 -7.90
N GLY B 274 -24.45 3.80 -7.11
CA GLY B 274 -23.80 5.03 -7.55
C GLY B 274 -24.75 6.09 -8.10
N GLY B 275 -25.99 6.12 -7.63
CA GLY B 275 -27.01 6.94 -8.23
C GLY B 275 -27.72 6.31 -9.42
N ASN B 276 -27.37 5.06 -9.77
CA ASN B 276 -27.94 4.32 -10.90
C ASN B 276 -28.04 5.23 -12.11
N ASN B 277 -26.95 5.93 -12.39
CA ASN B 277 -26.96 6.97 -13.41
C ASN B 277 -27.15 6.43 -14.82
N ASP B 278 -28.33 6.69 -15.40
CA ASP B 278 -28.71 6.36 -16.78
C ASP B 278 -29.04 7.65 -17.53
N LEU B 279 -29.45 7.47 -18.79
CA LEU B 279 -29.86 8.60 -19.63
C LEU B 279 -31.03 9.34 -19.00
N GLU B 280 -32.00 8.61 -18.46
CA GLU B 280 -33.16 9.27 -17.89
C GLU B 280 -32.73 10.26 -16.79
N LYS B 281 -31.81 9.83 -15.92
CA LYS B 281 -31.38 10.68 -14.82
C LYS B 281 -30.49 11.80 -15.35
N ALA B 282 -29.67 11.49 -16.34
CA ALA B 282 -28.93 12.56 -16.98
C ALA B 282 -29.86 13.56 -17.66
N ILE B 283 -31.00 13.10 -18.19
CA ILE B 283 -31.93 14.02 -18.84
C ILE B 283 -32.62 14.89 -17.79
N GLU B 284 -33.05 14.28 -16.68
CA GLU B 284 -33.61 15.08 -15.60
C GLU B 284 -32.59 16.10 -15.14
N ILE B 285 -31.38 15.64 -14.84
CA ILE B 285 -30.38 16.55 -14.28
C ILE B 285 -30.09 17.68 -15.26
N GLY B 286 -30.07 17.37 -16.55
CA GLY B 286 -29.83 18.41 -17.54
C GLY B 286 -31.00 19.36 -17.67
N LYS B 287 -32.22 18.84 -17.55
CA LYS B 287 -33.40 19.68 -17.47
C LYS B 287 -33.30 20.64 -16.30
N ARG B 288 -33.07 20.11 -15.10
CA ARG B 288 -32.91 20.89 -13.87
C ARG B 288 -31.74 21.87 -13.97
N ALA B 289 -30.71 21.50 -14.74
CA ALA B 289 -29.55 22.36 -14.87
C ALA B 289 -29.82 23.49 -15.84
N THR B 290 -30.57 23.21 -16.91
CA THR B 290 -30.87 24.27 -17.85
C THR B 290 -31.79 25.32 -17.24
N ALA B 291 -32.81 24.87 -16.48
CA ALA B 291 -33.70 25.78 -15.78
C ALA B 291 -32.92 26.78 -14.91
N SER B 292 -31.88 26.31 -14.21
CA SER B 292 -31.06 27.14 -13.35
C SER B 292 -29.94 27.85 -14.09
N GLY B 293 -29.92 27.76 -15.42
CA GLY B 293 -29.02 28.58 -16.22
C GLY B 293 -27.62 28.04 -16.34
N MET B 294 -27.48 26.72 -16.23
CA MET B 294 -26.19 26.05 -16.20
C MET B 294 -26.11 25.08 -17.36
N LYS B 295 -24.96 25.07 -18.04
CA LYS B 295 -24.69 24.16 -19.14
C LYS B 295 -24.30 22.79 -18.62
N LEU B 296 -24.36 21.78 -19.48
CA LEU B 296 -24.14 20.40 -19.04
C LEU B 296 -22.91 19.79 -19.71
N LEU B 297 -22.36 18.79 -19.03
CA LEU B 297 -21.28 17.95 -19.53
C LEU B 297 -21.73 16.51 -19.35
N VAL B 298 -21.71 15.74 -20.42
CA VAL B 298 -22.16 14.36 -20.33
C VAL B 298 -20.91 13.49 -20.30
N ASP B 299 -20.66 12.88 -19.16
CA ASP B 299 -19.50 12.03 -18.97
C ASP B 299 -19.98 10.62 -19.31
N PHE B 300 -19.74 10.16 -20.52
CA PHE B 300 -20.14 8.82 -20.96
C PHE B 300 -19.09 7.86 -20.44
N HIS B 301 -19.46 6.96 -19.53
CA HIS B 301 -18.53 5.95 -19.08
C HIS B 301 -18.30 4.87 -20.12
N TYR B 302 -19.27 4.69 -21.03
CA TYR B 302 -19.33 3.57 -21.96
C TYR B 302 -19.12 2.24 -21.23
N SER B 303 -20.00 2.01 -20.25
CA SER B 303 -19.93 0.90 -19.30
C SER B 303 -21.24 0.89 -18.55
N ASP B 304 -21.64 -0.28 -18.07
CA ASP B 304 -22.81 -0.41 -17.20
C ASP B 304 -22.53 -0.04 -15.75
N PHE B 305 -21.37 0.50 -15.45
CA PHE B 305 -21.04 0.90 -14.10
C PHE B 305 -19.75 1.70 -14.14
N TRP B 306 -19.07 1.82 -13.01
CA TRP B 306 -17.95 2.72 -12.88
C TRP B 306 -16.88 2.40 -13.90
N ALA B 307 -16.34 3.45 -14.54
CA ALA B 307 -15.12 3.31 -15.35
C ALA B 307 -14.00 4.17 -14.75
N ASP B 308 -12.88 3.50 -14.37
CA ASP B 308 -11.65 4.10 -13.85
C ASP B 308 -10.47 3.54 -14.66
N PRO B 309 -9.19 3.78 -14.29
CA PRO B 309 -8.12 3.22 -15.13
C PRO B 309 -8.02 1.72 -15.04
N ALA B 310 -8.40 1.17 -13.88
CA ALA B 310 -8.41 -0.28 -13.69
C ALA B 310 -9.67 -0.93 -14.28
N LYS B 311 -10.83 -0.36 -14.00
CA LYS B 311 -12.11 -0.91 -14.44
C LYS B 311 -12.67 -0.08 -15.61
N GLN B 312 -12.36 -0.47 -16.86
CA GLN B 312 -13.03 0.12 -18.03
C GLN B 312 -13.78 -0.98 -18.80
N ARG B 313 -14.77 -1.59 -18.14
CA ARG B 313 -15.43 -2.76 -18.68
C ARG B 313 -16.37 -2.33 -19.80
N PRO B 314 -16.61 -3.17 -20.81
CA PRO B 314 -17.69 -2.86 -21.75
C PRO B 314 -19.02 -3.10 -21.07
N PRO B 315 -20.05 -2.35 -21.47
CA PRO B 315 -21.44 -2.74 -21.17
C PRO B 315 -21.74 -4.20 -21.47
N LYS B 316 -22.70 -4.72 -20.71
CA LYS B 316 -23.11 -6.11 -20.90
C LYS B 316 -23.61 -6.35 -22.32
N ALA B 317 -24.35 -5.39 -22.88
CA ALA B 317 -24.88 -5.53 -24.22
C ALA B 317 -23.77 -5.56 -25.27
N TRP B 318 -22.74 -4.75 -25.08
CA TRP B 318 -21.59 -4.67 -25.95
C TRP B 318 -20.53 -5.74 -25.69
N ALA B 319 -20.75 -6.64 -24.73
CA ALA B 319 -19.66 -7.52 -24.33
C ALA B 319 -19.30 -8.50 -25.42
N LYS B 320 -20.31 -9.05 -26.10
CA LYS B 320 -20.16 -10.12 -27.06
C LYS B 320 -19.82 -9.65 -28.47
N LEU B 321 -19.72 -8.33 -28.71
CA LEU B 321 -19.54 -7.77 -30.04
C LEU B 321 -18.06 -7.74 -30.45
N ASN B 322 -17.82 -7.74 -31.76
CA ASN B 322 -16.48 -7.54 -32.31
C ASN B 322 -16.13 -6.06 -32.33
N PHE B 323 -14.84 -5.79 -32.52
CA PHE B 323 -14.40 -4.41 -32.42
C PHE B 323 -15.19 -3.52 -33.38
N GLU B 324 -15.44 -4.02 -34.59
CA GLU B 324 -16.19 -3.24 -35.56
C GLU B 324 -17.62 -2.95 -35.10
N ALA B 325 -18.27 -3.92 -34.44
CA ALA B 325 -19.66 -3.71 -34.09
C ALA B 325 -19.79 -2.93 -32.80
N LYS B 326 -18.78 -3.09 -31.93
CA LYS B 326 -18.69 -2.29 -30.71
C LYS B 326 -18.49 -0.82 -31.08
N LYS B 327 -17.73 -0.57 -32.16
CA LYS B 327 -17.54 0.80 -32.62
C LYS B 327 -18.85 1.47 -33.05
N LYS B 328 -19.75 0.73 -33.69
CA LYS B 328 -20.95 1.41 -34.19
C LYS B 328 -22.00 1.55 -33.09
N ALA B 329 -21.97 0.67 -32.09
CA ALA B 329 -22.90 0.84 -30.99
C ALA B 329 -22.54 2.09 -30.19
N LEU B 330 -21.25 2.29 -29.91
CA LEU B 330 -20.78 3.53 -29.28
C LEU B 330 -21.28 4.74 -30.03
N TYR B 331 -21.12 4.72 -31.36
CA TYR B 331 -21.60 5.82 -32.17
C TYR B 331 -23.11 5.99 -32.01
N ARG B 332 -23.88 4.90 -32.05
CA ARG B 332 -25.34 5.04 -31.98
C ARG B 332 -25.79 5.44 -30.59
N PHE B 333 -25.21 4.82 -29.57
CA PHE B 333 -25.57 5.17 -28.20
C PHE B 333 -25.33 6.66 -27.97
N THR B 334 -24.15 7.14 -28.36
CA THR B 334 -23.82 8.56 -28.22
C THR B 334 -24.81 9.43 -28.98
N LYS B 335 -25.02 9.10 -30.26
CA LYS B 335 -25.89 9.88 -31.14
C LYS B 335 -27.31 9.93 -30.60
N GLU B 336 -27.88 8.75 -30.33
CA GLU B 336 -29.27 8.69 -29.89
C GLU B 336 -29.45 9.36 -28.53
N SER B 337 -28.49 9.14 -27.62
CA SER B 337 -28.63 9.68 -26.27
C SER B 337 -28.61 11.20 -26.29
N LEU B 338 -27.62 11.79 -27.00
CA LEU B 338 -27.55 13.24 -27.13
C LEU B 338 -28.78 13.80 -27.84
N LYS B 339 -29.30 13.06 -28.82
CA LYS B 339 -30.46 13.53 -29.57
C LYS B 339 -31.69 13.65 -28.69
N ALA B 340 -31.95 12.64 -27.83
CA ALA B 340 -33.09 12.77 -26.91
C ALA B 340 -32.85 13.88 -25.90
N MET B 341 -31.59 14.12 -25.55
CA MET B 341 -31.30 15.18 -24.62
C MET B 341 -31.65 16.52 -25.23
N LEU B 342 -31.21 16.76 -26.47
CA LEU B 342 -31.51 18.02 -27.12
C LEU B 342 -32.97 18.14 -27.50
N LYS B 343 -33.67 17.02 -27.68
CA LYS B 343 -35.12 17.11 -27.86
C LYS B 343 -35.80 17.70 -26.64
N GLU B 344 -35.30 17.37 -25.46
CA GLU B 344 -35.78 17.94 -24.20
C GLU B 344 -35.07 19.28 -23.91
N LYS B 345 -34.49 19.90 -24.94
CA LYS B 345 -33.95 21.26 -24.91
C LYS B 345 -32.96 21.49 -23.78
N ILE B 346 -31.99 20.58 -23.63
CA ILE B 346 -30.95 20.67 -22.61
C ILE B 346 -29.72 21.28 -23.24
N GLN B 347 -29.10 22.25 -22.59
CA GLN B 347 -27.92 22.87 -23.19
C GLN B 347 -26.69 22.04 -22.86
N VAL B 348 -26.13 21.39 -23.87
CA VAL B 348 -24.90 20.60 -23.73
C VAL B 348 -23.76 21.38 -24.37
N GLY B 349 -22.76 21.76 -23.59
CA GLY B 349 -21.63 22.47 -24.15
C GLY B 349 -20.45 21.56 -24.38
N MET B 350 -20.56 20.34 -23.84
CA MET B 350 -19.44 19.43 -23.71
C MET B 350 -19.99 18.02 -23.69
N VAL B 351 -19.28 17.09 -24.31
CA VAL B 351 -19.58 15.68 -24.08
C VAL B 351 -18.25 14.99 -23.90
N GLN B 352 -18.19 14.03 -22.98
CA GLN B 352 -16.94 13.38 -22.59
C GLN B 352 -16.95 12.00 -23.23
N ILE B 353 -15.87 11.66 -23.93
CA ILE B 353 -15.76 10.29 -24.51
C ILE B 353 -14.87 9.48 -23.58
N GLY B 354 -15.49 8.95 -22.52
CA GLY B 354 -14.87 8.07 -21.54
C GLY B 354 -14.55 8.79 -20.23
N ASN B 355 -14.25 7.97 -19.22
CA ASN B 355 -13.87 8.46 -17.88
C ASN B 355 -12.55 7.80 -17.50
N GLU B 356 -11.51 8.60 -17.33
CA GLU B 356 -10.20 8.10 -16.97
C GLU B 356 -9.84 6.88 -17.81
N THR B 357 -9.83 7.12 -19.14
CA THR B 357 -9.40 6.18 -20.19
C THR B 357 -7.86 6.13 -20.26
N ASN B 358 -7.25 5.81 -19.12
CA ASN B 358 -5.80 5.74 -19.01
C ASN B 358 -5.38 4.33 -19.41
N GLY B 359 -5.35 4.09 -20.72
CA GLY B 359 -4.88 2.84 -21.27
C GLY B 359 -5.92 1.76 -21.40
N ALA B 360 -7.18 2.02 -21.07
CA ALA B 360 -8.27 1.08 -21.31
C ALA B 360 -9.54 1.83 -21.66
N PHE B 361 -10.42 1.19 -22.43
CA PHE B 361 -11.63 1.82 -22.92
C PHE B 361 -12.48 0.71 -23.52
N VAL B 362 -13.67 0.54 -22.98
CA VAL B 362 -14.64 -0.49 -23.36
C VAL B 362 -13.97 -1.85 -23.58
N GLY B 363 -13.19 -2.31 -22.60
CA GLY B 363 -12.53 -3.59 -22.68
C GLY B 363 -11.22 -3.64 -23.46
N GLU B 364 -10.75 -2.55 -24.04
CA GLU B 364 -9.59 -2.58 -24.92
C GLU B 364 -8.39 -1.95 -24.21
N THR B 365 -7.22 -2.60 -24.32
CA THR B 365 -5.99 -2.04 -23.75
C THR B 365 -5.02 -1.51 -24.81
N ASP B 366 -5.27 -1.82 -26.08
CA ASP B 366 -4.49 -1.28 -27.18
C ASP B 366 -4.80 0.19 -27.37
N TRP B 367 -3.79 1.06 -27.40
CA TRP B 367 -4.12 2.47 -27.69
C TRP B 367 -4.70 2.63 -29.09
N ALA B 368 -4.32 1.78 -30.03
CA ALA B 368 -4.84 1.91 -31.38
C ALA B 368 -6.32 1.58 -31.41
N LYS B 369 -6.73 0.51 -30.72
CA LYS B 369 -8.15 0.21 -30.65
C LYS B 369 -8.87 1.29 -29.86
N ILE B 370 -8.27 1.70 -28.73
CA ILE B 370 -8.83 2.77 -27.89
C ILE B 370 -9.05 4.07 -28.68
N CYS B 371 -8.06 4.49 -29.49
CA CYS B 371 -8.26 5.72 -30.26
C CYS B 371 -9.38 5.59 -31.28
N GLU B 372 -9.56 4.41 -31.85
CA GLU B 372 -10.59 4.27 -32.85
C GLU B 372 -11.96 4.43 -32.20
N LEU B 373 -12.10 3.90 -31.00
CA LEU B 373 -13.34 4.03 -30.24
C LEU B 373 -13.62 5.48 -29.89
N LEU B 374 -12.58 6.24 -29.55
CA LEU B 374 -12.79 7.65 -29.18
C LEU B 374 -13.32 8.44 -30.36
N ASN B 375 -12.79 8.18 -31.55
CA ASN B 375 -13.23 8.90 -32.73
C ASN B 375 -14.66 8.57 -33.09
N ALA B 376 -15.14 7.39 -32.72
CA ALA B 376 -16.55 7.14 -32.95
C ALA B 376 -17.41 8.04 -32.08
N GLY B 377 -17.02 8.24 -30.81
CA GLY B 377 -17.75 9.18 -29.98
C GLY B 377 -17.64 10.59 -30.50
N SER B 378 -16.44 11.00 -30.90
CA SER B 378 -16.27 12.34 -31.44
C SER B 378 -17.16 12.53 -32.69
N ARG B 379 -17.16 11.57 -33.60
CA ARG B 379 -18.01 11.68 -34.79
C ARG B 379 -19.48 11.87 -34.41
N ALA B 380 -20.03 11.05 -33.51
CA ALA B 380 -21.39 11.29 -33.03
C ALA B 380 -21.56 12.70 -32.47
N VAL B 381 -20.64 13.13 -31.60
CA VAL B 381 -20.72 14.49 -31.06
C VAL B 381 -20.68 15.51 -32.18
N ARG B 382 -19.78 15.30 -33.14
CA ARG B 382 -19.54 16.29 -34.16
C ARG B 382 -20.70 16.35 -35.15
N GLU B 383 -21.47 15.26 -35.23
CA GLU B 383 -22.65 15.23 -36.06
C GLU B 383 -23.85 15.78 -35.31
N THR B 384 -23.87 15.64 -33.98
CA THR B 384 -24.99 16.19 -33.22
C THR B 384 -24.97 17.71 -33.19
N SER B 385 -23.79 18.31 -33.00
CA SER B 385 -23.67 19.76 -33.11
C SER B 385 -22.22 20.13 -33.24
N PRO B 386 -21.88 21.08 -34.11
CA PRO B 386 -20.49 21.55 -34.16
C PRO B 386 -20.04 22.23 -32.88
N ASN B 387 -20.97 22.65 -32.02
CA ASN B 387 -20.72 23.51 -30.87
C ASN B 387 -20.78 22.78 -29.55
N ILE B 388 -20.78 21.45 -29.60
CA ILE B 388 -20.57 20.60 -28.43
C ILE B 388 -19.11 20.18 -28.43
N LEU B 389 -18.38 20.60 -27.40
CA LEU B 389 -16.96 20.30 -27.31
C LEU B 389 -16.72 18.83 -27.00
N VAL B 390 -15.68 18.27 -27.61
CA VAL B 390 -15.35 16.86 -27.38
C VAL B 390 -14.22 16.77 -26.36
N VAL B 391 -14.58 16.23 -25.20
CA VAL B 391 -13.72 16.16 -24.03
C VAL B 391 -13.16 14.76 -23.93
N LEU B 392 -11.89 14.68 -23.54
CA LEU B 392 -11.17 13.45 -23.30
C LEU B 392 -10.69 13.48 -21.86
N HIS B 393 -10.90 12.41 -21.09
CA HIS B 393 -10.67 12.43 -19.63
C HIS B 393 -9.62 11.41 -19.20
N PHE B 394 -8.60 11.90 -18.51
CA PHE B 394 -7.49 11.07 -18.06
C PHE B 394 -7.13 11.46 -16.64
N THR B 395 -6.54 10.53 -15.92
CA THR B 395 -6.15 10.88 -14.56
C THR B 395 -4.69 10.53 -14.35
N ASN B 396 -4.27 10.45 -13.10
CA ASN B 396 -2.88 10.38 -12.64
C ASN B 396 -1.95 11.30 -13.41
N PRO B 397 -2.11 12.61 -13.22
CA PRO B 397 -1.18 13.55 -13.83
C PRO B 397 0.16 13.60 -13.12
N GLU B 398 0.26 12.94 -11.98
CA GLU B 398 1.50 12.95 -11.26
C GLU B 398 2.54 12.12 -12.01
N THR B 399 2.11 11.07 -12.69
CA THR B 399 3.02 10.12 -13.30
C THR B 399 3.85 10.84 -14.35
N PRO B 400 5.17 10.78 -14.28
CA PRO B 400 6.01 11.59 -15.18
C PRO B 400 5.85 11.15 -16.64
N GLY B 401 5.56 12.13 -17.49
CA GLY B 401 5.43 11.97 -18.91
C GLY B 401 4.12 11.41 -19.41
N ARG B 402 3.19 11.06 -18.51
CA ARG B 402 1.95 10.39 -18.93
C ARG B 402 1.12 11.26 -19.84
N TYR B 403 0.97 12.54 -19.50
CA TYR B 403 0.06 13.33 -20.32
C TYR B 403 0.70 13.74 -21.63
N ALA B 404 2.03 13.87 -21.68
CA ALA B 404 2.65 14.11 -22.97
C ALA B 404 2.49 12.89 -23.89
N SER B 405 2.64 11.68 -23.34
CA SER B 405 2.59 10.48 -24.19
C SER B 405 1.18 10.19 -24.68
N ILE B 406 0.18 10.34 -23.81
CA ILE B 406 -1.21 10.22 -24.22
C ILE B 406 -1.51 11.18 -25.36
N ALA B 407 -1.11 12.45 -25.23
CA ALA B 407 -1.50 13.45 -26.21
C ALA B 407 -0.87 13.17 -27.57
N LYS B 408 0.42 12.79 -27.59
CA LYS B 408 1.08 12.30 -28.79
C LYS B 408 0.29 11.14 -29.40
N THR B 409 0.00 10.13 -28.60
CA THR B 409 -0.66 8.93 -29.11
C THR B 409 -2.02 9.25 -29.70
N LEU B 410 -2.71 10.25 -29.15
CA LEU B 410 -3.97 10.67 -29.73
C LEU B 410 -3.74 11.38 -31.05
N ALA B 411 -2.65 12.15 -31.13
CA ALA B 411 -2.35 12.89 -32.34
C ALA B 411 -1.86 11.95 -33.43
N GLU B 412 -1.05 10.98 -33.04
CA GLU B 412 -0.55 10.00 -34.00
C GLU B 412 -1.66 9.10 -34.52
N HIS B 413 -2.74 8.95 -33.77
CA HIS B 413 -3.87 8.13 -34.18
C HIS B 413 -5.07 9.00 -34.60
N LYS B 414 -4.83 10.30 -34.81
CA LYS B 414 -5.77 11.31 -35.31
C LYS B 414 -7.16 11.15 -34.70
N VAL B 415 -7.20 11.34 -33.38
CA VAL B 415 -8.43 11.54 -32.64
C VAL B 415 -8.79 13.03 -32.69
N ASP B 416 -10.05 13.33 -32.97
CA ASP B 416 -10.62 14.68 -32.91
C ASP B 416 -11.16 14.94 -31.51
N TYR B 417 -10.41 15.69 -30.70
CA TYR B 417 -10.87 16.11 -29.37
C TYR B 417 -10.61 17.60 -29.23
N ASP B 418 -11.37 18.27 -28.36
CA ASP B 418 -11.19 19.69 -28.09
C ASP B 418 -10.62 19.98 -26.71
N VAL B 419 -10.98 19.18 -25.71
CA VAL B 419 -10.55 19.38 -24.34
C VAL B 419 -9.84 18.13 -23.85
N PHE B 420 -8.61 18.30 -23.39
CA PHE B 420 -7.87 17.26 -22.68
C PHE B 420 -8.12 17.52 -21.18
N ALA B 421 -8.95 16.68 -20.55
CA ALA B 421 -9.36 16.84 -19.17
C ALA B 421 -8.57 15.92 -18.25
N SER B 422 -8.43 16.37 -17.00
CA SER B 422 -7.65 15.68 -15.98
C SER B 422 -8.40 15.70 -14.67
N SER B 423 -8.31 14.58 -13.97
CA SER B 423 -8.68 14.46 -12.57
C SER B 423 -7.51 14.97 -11.77
N TYR B 424 -7.77 15.84 -10.82
CA TYR B 424 -6.74 16.27 -9.89
C TYR B 424 -7.40 16.23 -8.52
N TYR B 425 -7.46 15.03 -7.95
CA TYR B 425 -7.81 14.93 -6.56
C TYR B 425 -6.54 15.23 -5.77
N PRO B 426 -6.48 16.35 -5.03
CA PRO B 426 -5.21 16.79 -4.44
C PRO B 426 -4.48 15.78 -3.56
N PHE B 427 -5.17 14.78 -2.97
CA PHE B 427 -4.49 13.83 -2.09
C PHE B 427 -3.82 12.70 -2.87
N TRP B 428 -4.23 12.45 -4.13
CA TRP B 428 -3.60 11.41 -4.95
C TRP B 428 -2.83 11.85 -6.19
N HIS B 429 -3.03 13.06 -6.73
CA HIS B 429 -2.59 13.40 -8.09
C HIS B 429 -1.61 14.57 -8.17
N GLY B 430 -0.66 14.65 -7.27
CA GLY B 430 0.52 15.39 -7.51
C GLY B 430 0.51 16.84 -7.05
N THR B 431 1.59 17.52 -7.39
CA THR B 431 1.70 18.91 -7.00
C THR B 431 0.79 19.72 -7.91
N LEU B 432 0.44 20.91 -7.42
CA LEU B 432 -0.31 21.86 -8.22
C LEU B 432 0.53 22.32 -9.40
N ALA B 433 1.84 22.44 -9.22
CA ALA B 433 2.67 22.85 -10.33
C ALA B 433 2.61 21.84 -11.47
N ASN B 434 2.70 20.55 -11.15
CA ASN B 434 2.60 19.55 -12.23
C ASN B 434 1.37 19.74 -13.07
N LEU B 435 0.22 19.84 -12.43
CA LEU B 435 -1.05 20.02 -13.14
C LEU B 435 -0.94 21.13 -14.17
N THR B 436 -0.54 22.32 -13.74
CA THR B 436 -0.37 23.42 -14.68
C THR B 436 0.64 23.07 -15.77
N SER B 437 1.77 22.49 -15.39
CA SER B 437 2.80 22.26 -16.39
C SER B 437 2.35 21.22 -17.41
N VAL B 438 1.83 20.08 -16.96
CA VAL B 438 1.48 19.01 -17.91
C VAL B 438 0.31 19.45 -18.77
N LEU B 439 -0.66 20.13 -18.17
CA LEU B 439 -1.81 20.65 -18.90
C LEU B 439 -1.37 21.69 -19.94
N LYS B 440 -0.43 22.58 -19.55
CA LYS B 440 0.19 23.52 -20.48
C LYS B 440 0.79 22.81 -21.68
N TYR B 441 1.63 21.80 -21.44
CA TYR B 441 2.29 21.07 -22.53
C TYR B 441 1.26 20.66 -23.58
N VAL B 442 0.25 19.91 -23.17
CA VAL B 442 -0.75 19.40 -24.10
C VAL B 442 -1.39 20.53 -24.88
N ALA B 443 -1.89 21.55 -24.19
CA ALA B 443 -2.58 22.65 -24.83
C ALA B 443 -1.67 23.43 -25.76
N ASN B 444 -0.46 23.74 -25.30
CA ASN B 444 0.48 24.53 -26.10
C ASN B 444 1.04 23.72 -27.26
N THR B 445 1.44 22.46 -27.01
CA THR B 445 2.01 21.64 -28.09
C THR B 445 0.95 21.18 -29.09
N TYR B 446 -0.20 20.72 -28.62
CA TYR B 446 -1.19 20.13 -29.51
C TYR B 446 -2.41 21.03 -29.74
N LEU B 447 -2.34 22.28 -29.30
CA LEU B 447 -3.33 23.31 -29.60
C LEU B 447 -4.74 22.85 -29.20
N LYS B 448 -4.83 22.38 -27.96
CA LYS B 448 -6.06 21.87 -27.37
C LYS B 448 -6.41 22.71 -26.15
N LYS B 449 -7.67 22.62 -25.74
CA LYS B 449 -8.08 23.23 -24.48
C LYS B 449 -7.86 22.24 -23.34
N VAL B 450 -7.73 22.78 -22.12
CA VAL B 450 -7.52 21.94 -20.94
C VAL B 450 -8.49 22.38 -19.84
N MET B 451 -8.88 21.43 -19.01
CA MET B 451 -9.74 21.67 -17.85
C MET B 451 -9.61 20.49 -16.91
N VAL B 452 -10.09 20.68 -15.70
CA VAL B 452 -10.07 19.64 -14.69
C VAL B 452 -11.49 19.14 -14.55
N ALA B 453 -11.68 17.83 -14.65
CA ALA B 453 -13.03 17.29 -14.60
C ALA B 453 -13.48 16.84 -13.21
N GLU B 454 -12.54 16.53 -12.33
CA GLU B 454 -12.87 16.00 -11.01
C GLU B 454 -11.84 16.51 -10.02
N THR B 455 -12.33 17.17 -8.98
CA THR B 455 -11.53 17.53 -7.82
C THR B 455 -12.43 17.41 -6.61
N SER B 456 -11.81 17.24 -5.43
CA SER B 456 -12.58 17.17 -4.18
C SER B 456 -11.62 17.18 -3.00
N TYR B 457 -12.02 17.84 -1.91
CA TYR B 457 -11.20 17.72 -0.71
C TYR B 457 -12.08 17.56 0.52
N PRO B 458 -11.59 16.91 1.56
CA PRO B 458 -12.44 16.62 2.72
C PRO B 458 -12.55 17.85 3.62
N TYR B 459 -13.70 17.98 4.26
CA TYR B 459 -13.94 19.02 5.26
C TYR B 459 -14.06 18.48 6.68
N THR B 460 -14.25 17.17 6.82
CA THR B 460 -14.39 16.56 8.13
C THR B 460 -13.72 15.19 8.09
N THR B 461 -13.17 14.78 9.24
CA THR B 461 -12.68 13.43 9.43
C THR B 461 -13.81 12.45 9.70
N GLU B 462 -15.02 12.98 9.88
CA GLU B 462 -16.19 12.23 10.28
C GLU B 462 -16.85 11.52 9.11
N ASP B 463 -17.66 10.52 9.43
CA ASP B 463 -18.50 9.82 8.47
C ASP B 463 -19.96 10.08 8.84
N GLY B 464 -20.79 10.34 7.83
CA GLY B 464 -22.18 10.62 8.07
C GLY B 464 -23.16 9.51 7.79
N ASP B 465 -22.78 8.41 7.14
CA ASP B 465 -23.74 7.37 6.78
C ASP B 465 -23.39 5.96 7.29
N GLY B 466 -22.18 5.74 7.84
CA GLY B 466 -21.81 4.43 8.30
C GLY B 466 -20.94 3.62 7.34
N HIS B 467 -20.68 4.13 6.14
CA HIS B 467 -19.79 3.52 5.16
C HIS B 467 -18.53 4.36 5.06
N GLU B 468 -17.37 3.72 5.25
CA GLU B 468 -16.10 4.44 5.30
C GLU B 468 -15.92 5.32 4.09
N ASN B 469 -15.45 6.55 4.31
CA ASN B 469 -15.13 7.46 3.22
C ASN B 469 -13.66 7.37 2.83
N THR B 470 -13.41 7.73 1.59
CA THR B 470 -12.13 7.47 0.95
C THR B 470 -11.01 8.37 1.45
N ALA B 471 -11.35 9.52 2.02
CA ALA B 471 -10.33 10.44 2.52
C ALA B 471 -10.94 11.26 3.63
N PRO B 472 -10.12 11.70 4.59
CA PRO B 472 -8.68 11.55 4.79
C PRO B 472 -8.32 10.11 5.05
N LYS B 473 -7.10 9.69 4.73
CA LYS B 473 -6.57 8.40 5.15
C LYS B 473 -5.10 8.59 5.50
N SER B 474 -4.57 7.70 6.35
CA SER B 474 -3.28 8.01 6.98
C SER B 474 -2.10 7.72 6.08
N SER B 475 -2.23 6.75 5.18
CA SER B 475 -1.02 6.30 4.52
C SER B 475 -0.90 6.76 3.08
N GLY B 476 -1.97 6.72 2.31
CA GLY B 476 -1.81 6.81 0.87
C GLY B 476 -2.03 8.17 0.26
N GLN B 477 -2.25 9.21 1.09
CA GLN B 477 -2.77 10.48 0.61
C GLN B 477 -1.91 11.62 1.11
N THR B 478 -1.66 12.58 0.22
CA THR B 478 -0.96 13.82 0.53
C THR B 478 -2.01 14.83 0.96
N LEU B 479 -2.01 15.18 2.24
CA LEU B 479 -2.99 16.10 2.81
C LEU B 479 -2.24 17.37 3.18
N ASN B 480 -2.35 18.38 2.32
CA ASN B 480 -1.62 19.63 2.45
C ASN B 480 -2.48 20.79 2.93
N TYR B 481 -3.77 20.56 3.13
CA TYR B 481 -4.68 21.59 3.55
C TYR B 481 -5.40 20.99 4.74
N PRO B 482 -5.53 21.72 5.87
CA PRO B 482 -6.26 21.20 7.02
C PRO B 482 -7.61 20.62 6.67
N ILE B 483 -7.99 19.55 7.36
CA ILE B 483 -9.27 18.87 7.16
C ILE B 483 -10.36 19.67 7.88
N THR B 484 -10.68 20.86 7.36
CA THR B 484 -11.70 21.76 7.89
C THR B 484 -12.42 22.34 6.69
N VAL B 485 -13.36 23.25 6.93
CA VAL B 485 -14.07 23.75 5.76
C VAL B 485 -13.23 24.76 5.02
N GLN B 486 -12.38 25.52 5.74
CA GLN B 486 -11.43 26.39 5.04
C GLN B 486 -10.48 25.60 4.16
N GLY B 487 -9.84 24.56 4.72
CA GLY B 487 -8.86 23.83 3.95
C GLY B 487 -9.44 23.29 2.68
N GLN B 488 -10.67 22.73 2.76
CA GLN B 488 -11.45 22.40 1.58
C GLN B 488 -11.46 23.57 0.60
N ALA B 489 -11.99 24.72 1.04
CA ALA B 489 -12.20 25.83 0.11
C ALA B 489 -10.89 26.25 -0.55
N ASN B 490 -9.78 26.27 0.20
CA ASN B 490 -8.51 26.69 -0.39
C ASN B 490 -7.96 25.68 -1.39
N ALA B 491 -8.28 24.40 -1.22
CA ALA B 491 -7.87 23.46 -2.27
C ALA B 491 -8.68 23.69 -3.55
N ILE B 492 -10.00 23.87 -3.42
CA ILE B 492 -10.80 24.23 -4.60
C ILE B 492 -10.30 25.51 -5.25
N ARG B 493 -9.97 26.51 -4.44
CA ARG B 493 -9.41 27.73 -4.98
C ARG B 493 -8.14 27.42 -5.79
N ASP B 494 -7.20 26.70 -5.19
CA ASP B 494 -5.88 26.56 -5.83
C ASP B 494 -5.96 25.70 -7.07
N VAL B 495 -6.92 24.76 -7.12
CA VAL B 495 -7.07 23.98 -8.34
C VAL B 495 -7.61 24.87 -9.47
N ILE B 496 -8.53 25.80 -9.13
CA ILE B 496 -9.00 26.81 -10.08
C ILE B 496 -7.84 27.71 -10.53
N GLN B 497 -6.92 28.03 -9.62
CA GLN B 497 -5.76 28.81 -10.02
C GLN B 497 -4.87 28.01 -10.97
N ALA B 498 -4.63 26.73 -10.71
CA ALA B 498 -3.72 25.98 -11.56
C ALA B 498 -4.26 25.87 -12.98
N VAL B 499 -5.55 25.59 -13.15
CA VAL B 499 -6.14 25.59 -14.48
C VAL B 499 -5.98 26.96 -15.14
N ALA B 500 -6.31 28.03 -14.40
CA ALA B 500 -6.11 29.39 -14.87
C ALA B 500 -4.65 29.66 -15.27
N ALA B 501 -3.69 29.21 -14.46
CA ALA B 501 -2.30 29.51 -14.78
C ALA B 501 -1.82 28.87 -16.08
N VAL B 502 -2.57 27.91 -16.62
CA VAL B 502 -2.20 27.39 -17.93
C VAL B 502 -2.37 28.47 -18.97
N GLY B 503 -3.44 29.23 -18.88
CA GLY B 503 -3.61 30.33 -19.80
C GLY B 503 -5.04 30.44 -20.28
N LYS B 504 -5.20 31.03 -21.45
CA LYS B 504 -6.47 30.94 -22.16
C LYS B 504 -6.86 29.50 -22.43
N PRO B 505 -5.91 28.56 -22.66
CA PRO B 505 -6.29 27.13 -22.70
C PRO B 505 -7.05 26.64 -21.48
N GLY B 506 -6.62 26.96 -20.26
CA GLY B 506 -7.36 26.49 -19.08
C GLY B 506 -8.75 27.08 -18.99
N ILE B 507 -9.79 26.27 -19.09
CA ILE B 507 -11.15 26.75 -19.23
C ILE B 507 -12.05 26.43 -18.03
N GLY B 508 -11.68 25.55 -17.13
CA GLY B 508 -12.60 25.31 -16.02
C GLY B 508 -12.10 24.30 -15.01
N VAL B 509 -12.89 24.17 -13.94
CA VAL B 509 -12.71 23.16 -12.89
C VAL B 509 -14.10 22.62 -12.55
N PHE B 510 -14.24 21.28 -12.45
CA PHE B 510 -15.47 20.68 -11.95
C PHE B 510 -15.19 20.04 -10.60
N TYR B 511 -16.06 20.27 -9.62
CA TYR B 511 -15.98 19.52 -8.38
C TYR B 511 -16.74 18.21 -8.62
N TRP B 512 -16.44 17.16 -7.84
CA TRP B 512 -17.07 15.87 -8.09
C TRP B 512 -17.88 15.45 -6.87
N GLU B 513 -19.11 15.00 -7.09
CA GLU B 513 -20.09 14.76 -6.02
C GLU B 513 -20.03 15.82 -4.89
N PRO B 514 -20.53 17.03 -5.19
CA PRO B 514 -20.47 18.09 -4.18
C PRO B 514 -21.55 17.91 -3.12
N ALA B 515 -22.40 16.89 -3.23
CA ALA B 515 -23.41 16.62 -2.20
C ALA B 515 -23.84 15.15 -2.20
N TRP B 516 -22.89 14.25 -1.98
CA TRP B 516 -23.22 12.84 -1.69
C TRP B 516 -23.43 12.66 -0.19
N ILE B 517 -24.32 13.50 0.35
CA ILE B 517 -24.51 13.62 1.78
C ILE B 517 -25.19 12.36 2.30
N PRO B 518 -25.17 12.12 3.61
CA PRO B 518 -25.70 10.86 4.15
C PRO B 518 -27.20 10.73 3.90
N VAL B 519 -27.63 9.52 3.54
CA VAL B 519 -29.07 9.31 3.45
C VAL B 519 -29.69 9.20 4.82
N GLY B 520 -28.88 8.97 5.85
CA GLY B 520 -29.34 8.88 7.21
C GLY B 520 -28.16 9.00 8.15
N PRO B 521 -28.43 9.18 9.45
CA PRO B 521 -27.36 9.26 10.44
C PRO B 521 -26.60 7.94 10.51
N PRO B 522 -25.36 7.94 11.01
CA PRO B 522 -24.58 6.69 11.00
C PRO B 522 -25.20 5.57 11.82
N GLU B 523 -25.92 5.91 12.90
CA GLU B 523 -26.51 4.88 13.76
C GLU B 523 -27.55 4.04 13.04
N GLN B 524 -28.34 4.66 12.15
CA GLN B 524 -29.42 3.99 11.42
C GLN B 524 -28.93 3.19 10.21
N LEU B 525 -27.89 2.36 10.39
CA LEU B 525 -27.25 1.70 9.24
C LEU B 525 -28.19 0.73 8.54
N LYS B 526 -28.85 -0.16 9.30
CA LYS B 526 -29.82 -1.07 8.68
C LYS B 526 -30.82 -0.30 7.83
N GLN B 527 -31.35 0.80 8.35
CA GLN B 527 -32.28 1.62 7.57
C GLN B 527 -31.60 2.20 6.35
N ASN B 528 -30.39 2.75 6.56
CA ASN B 528 -29.59 3.29 5.46
C ASN B 528 -29.28 2.22 4.44
N GLU B 529 -28.79 1.06 4.86
CA GLU B 529 -28.52 -0.02 3.93
C GLU B 529 -29.75 -0.30 3.06
N LYS B 530 -30.94 -0.28 3.66
CA LYS B 530 -32.14 -0.62 2.92
C LYS B 530 -32.42 0.42 1.84
N LYS B 531 -32.08 1.67 2.12
CA LYS B 531 -32.24 2.75 1.15
C LYS B 531 -31.22 2.59 0.04
N TRP B 532 -29.97 2.35 0.43
CA TRP B 532 -28.89 2.22 -0.54
C TRP B 532 -29.21 1.11 -1.54
N GLU B 533 -29.75 -0.01 -1.06
CA GLU B 533 -30.03 -1.12 -1.95
C GLU B 533 -31.23 -0.83 -2.85
N LYS B 534 -32.29 -0.21 -2.30
CA LYS B 534 -33.49 0.04 -3.10
C LYS B 534 -33.29 1.14 -4.16
N TYR B 535 -32.64 2.24 -3.79
CA TYR B 535 -32.56 3.36 -4.71
C TYR B 535 -31.14 3.63 -5.19
N GLY B 536 -30.18 2.77 -4.86
CA GLY B 536 -28.80 3.05 -5.19
C GLY B 536 -28.32 4.42 -4.76
N SER B 537 -28.64 4.85 -3.54
CA SER B 537 -28.12 6.10 -3.00
C SER B 537 -26.69 5.96 -2.49
N GLY B 538 -26.10 4.76 -2.55
CA GLY B 538 -24.73 4.55 -2.14
C GLY B 538 -23.81 4.49 -3.35
N TRP B 539 -22.52 4.32 -3.04
CA TRP B 539 -21.52 4.18 -4.11
C TRP B 539 -21.72 2.92 -4.96
N ALA B 540 -22.14 1.81 -4.35
CA ALA B 540 -22.55 0.63 -5.12
C ALA B 540 -23.52 -0.17 -4.27
N SER B 541 -24.22 -1.10 -4.90
CA SER B 541 -25.12 -1.97 -4.16
C SER B 541 -24.73 -3.40 -4.43
N SER B 542 -25.39 -4.35 -3.73
CA SER B 542 -25.08 -5.76 -3.93
C SER B 542 -25.24 -6.16 -5.39
N PHE B 543 -26.17 -5.53 -6.09
CA PHE B 543 -26.52 -5.94 -7.45
C PHE B 543 -25.42 -5.64 -8.45
N ALA B 544 -24.47 -4.79 -8.07
CA ALA B 544 -23.30 -4.53 -8.88
C ALA B 544 -22.21 -5.60 -8.73
N ALA B 545 -22.32 -6.52 -7.76
CA ALA B 545 -21.29 -7.54 -7.57
C ALA B 545 -21.07 -8.39 -8.83
N GLU B 546 -22.07 -8.52 -9.68
CA GLU B 546 -21.92 -9.30 -10.90
C GLU B 546 -21.04 -8.59 -11.93
N TYR B 547 -21.00 -7.26 -11.89
CA TYR B 547 -20.35 -6.43 -12.89
C TYR B 547 -19.06 -5.78 -12.39
N ASP B 548 -19.02 -5.32 -11.14
CA ASP B 548 -17.84 -4.70 -10.55
C ASP B 548 -17.32 -5.55 -9.40
N PRO B 549 -16.11 -6.12 -9.49
CA PRO B 549 -15.64 -6.98 -8.38
C PRO B 549 -15.60 -6.26 -7.04
N ASP B 550 -15.27 -4.96 -7.04
CA ASP B 550 -15.07 -4.22 -5.80
C ASP B 550 -16.40 -3.99 -5.09
N ALA B 551 -17.49 -4.00 -5.83
CA ALA B 551 -18.77 -3.76 -5.18
C ALA B 551 -19.13 -4.94 -4.28
N ALA B 552 -18.89 -6.17 -4.74
CA ALA B 552 -19.26 -7.33 -3.93
C ALA B 552 -18.68 -7.25 -2.51
N MET B 553 -17.45 -6.74 -2.40
CA MET B 553 -16.75 -6.75 -1.12
C MET B 553 -17.19 -5.58 -0.25
N TRP B 554 -17.39 -4.41 -0.87
CA TRP B 554 -17.60 -3.15 -0.17
C TRP B 554 -18.87 -2.46 -0.66
N HIS B 555 -19.99 -3.17 -0.73
CA HIS B 555 -21.24 -2.50 -1.10
C HIS B 555 -21.73 -1.66 0.07
N GLY B 556 -22.28 -0.49 -0.26
CA GLY B 556 -22.64 0.42 0.83
C GLY B 556 -23.11 1.77 0.37
N GLY B 557 -22.78 2.79 1.18
CA GLY B 557 -23.17 4.17 0.96
C GLY B 557 -22.19 5.09 0.26
N SER B 558 -21.97 6.28 0.80
CA SER B 558 -21.15 7.30 0.16
C SER B 558 -19.79 7.27 0.81
N ALA B 559 -18.73 7.25 0.00
CA ALA B 559 -17.40 7.45 0.53
C ALA B 559 -16.93 8.89 0.41
N VAL B 560 -17.82 9.78 -0.03
CA VAL B 560 -17.48 11.17 -0.28
C VAL B 560 -18.37 12.12 0.49
N ASP B 561 -19.04 11.65 1.55
CA ASP B 561 -19.93 12.56 2.26
C ASP B 561 -19.14 13.59 3.07
N ASN B 562 -17.85 13.34 3.32
CA ASN B 562 -17.05 14.32 4.03
C ASN B 562 -16.28 15.22 3.10
N GLN B 563 -16.34 14.97 1.79
CA GLN B 563 -15.69 15.82 0.78
C GLN B 563 -16.72 16.63 -0.01
N ALA B 564 -18.00 16.58 0.41
CA ALA B 564 -19.08 17.37 -0.13
C ALA B 564 -19.02 18.81 0.36
N LEU B 565 -19.70 19.69 -0.39
CA LEU B 565 -19.76 21.12 -0.08
C LEU B 565 -21.07 21.50 0.64
N PHE B 566 -21.80 20.52 1.13
CA PHE B 566 -23.01 20.71 1.92
C PHE B 566 -22.83 19.92 3.22
N ASP B 567 -23.54 20.28 4.26
CA ASP B 567 -23.39 19.52 5.49
C ASP B 567 -24.25 18.25 5.50
N PHE B 568 -24.04 17.41 6.53
CA PHE B 568 -24.67 16.10 6.60
C PHE B 568 -26.19 16.16 6.56
N ASN B 569 -26.75 17.31 6.91
CA ASN B 569 -28.19 17.53 7.05
C ASN B 569 -28.76 18.34 5.89
N GLY B 570 -27.98 18.55 4.83
CA GLY B 570 -28.48 19.15 3.61
C GLY B 570 -28.29 20.65 3.48
N ARG B 571 -27.92 21.31 4.56
CA ARG B 571 -27.68 22.73 4.47
C ARG B 571 -26.30 22.97 3.85
N PRO B 572 -26.15 23.98 2.97
CA PRO B 572 -24.82 24.22 2.38
C PRO B 572 -23.76 24.65 3.39
N LEU B 573 -22.56 24.18 3.16
CA LEU B 573 -21.38 24.61 3.87
C LEU B 573 -20.93 25.97 3.36
N PRO B 574 -20.01 26.64 4.07
CA PRO B 574 -19.47 27.91 3.59
C PRO B 574 -18.50 27.77 2.43
N SER B 575 -17.96 26.57 2.22
CA SER B 575 -17.04 26.36 1.11
C SER B 575 -17.73 26.44 -0.25
N LEU B 576 -19.07 26.34 -0.29
CA LEU B 576 -19.78 26.40 -1.56
C LEU B 576 -19.70 27.79 -2.19
N ASN B 577 -19.37 28.82 -1.39
CA ASN B 577 -19.23 30.19 -1.87
C ASN B 577 -17.86 30.48 -2.47
N VAL B 578 -17.02 29.47 -2.66
CA VAL B 578 -15.69 29.69 -3.22
C VAL B 578 -15.79 30.02 -4.70
N PHE B 579 -16.88 29.61 -5.35
CA PHE B 579 -17.02 29.84 -6.79
C PHE B 579 -17.36 31.28 -7.10
N LYS B 580 -17.98 32.00 -6.17
CA LYS B 580 -18.03 33.45 -6.24
C LYS B 580 -16.68 34.06 -5.90
N TYR B 581 -16.07 33.59 -4.80
CA TYR B 581 -14.93 34.27 -4.18
C TYR B 581 -13.67 34.25 -5.02
N VAL B 582 -13.57 33.36 -6.01
CA VAL B 582 -12.37 33.34 -6.84
C VAL B 582 -12.26 34.62 -7.67
N ASP B 583 -13.38 35.31 -7.91
CA ASP B 583 -13.39 36.56 -8.65
C ASP B 583 -13.23 37.76 -7.76
N THR B 584 -13.51 37.61 -6.46
CA THR B 584 -13.49 38.72 -5.50
C THR B 584 -12.38 38.49 -4.48
N GLY B 585 -12.53 37.56 -3.55
CA GLY B 585 -11.57 37.41 -2.48
C GLY B 585 -12.25 37.36 -1.13
N ASP C 202 21.19 -14.81 28.40
CA ASP C 202 20.26 -14.86 27.26
C ASP C 202 20.80 -14.36 25.90
N ILE C 203 21.36 -13.15 25.83
CA ILE C 203 21.74 -12.50 24.57
C ILE C 203 23.22 -12.20 24.49
N PHE C 204 23.77 -12.37 23.29
CA PHE C 204 25.14 -12.05 22.93
C PHE C 204 25.09 -11.28 21.62
N VAL C 205 26.13 -10.48 21.35
CA VAL C 205 26.17 -9.75 20.08
C VAL C 205 27.62 -9.57 19.65
N LYS C 206 27.81 -9.38 18.34
CA LYS C 206 29.17 -9.26 17.79
C LYS C 206 29.73 -7.89 18.01
N ARG C 207 30.99 -7.86 18.44
CA ARG C 207 31.57 -6.58 18.82
C ARG C 207 31.62 -5.66 17.62
N VAL C 208 31.59 -4.35 17.90
CA VAL C 208 31.69 -3.32 16.87
C VAL C 208 33.07 -2.70 16.99
N ASP C 209 33.85 -2.77 15.92
CA ASP C 209 35.16 -2.11 15.89
C ASP C 209 35.02 -0.64 15.50
N GLY C 210 35.85 0.19 16.15
CA GLY C 210 35.91 1.60 15.83
C GLY C 210 35.02 2.49 16.67
N LEU C 211 34.58 2.02 17.84
CA LEU C 211 33.73 2.81 18.70
C LEU C 211 34.59 3.70 19.59
N SER C 212 34.42 5.02 19.44
CA SER C 212 35.06 5.98 20.32
C SER C 212 34.47 5.93 21.72
N LYS C 213 35.29 6.27 22.70
CA LYS C 213 34.83 6.36 24.07
C LYS C 213 33.61 7.28 24.20
N GLU C 214 33.49 8.27 23.30
CA GLU C 214 32.43 9.27 23.41
C GLU C 214 31.32 9.04 22.40
N PHE C 215 31.36 7.89 21.71
CA PHE C 215 30.33 7.53 20.74
C PHE C 215 28.95 7.62 21.39
N ILE C 216 28.01 8.25 20.68
CA ILE C 216 26.71 8.55 21.27
C ILE C 216 25.84 7.30 21.22
N LYS C 217 25.60 6.73 22.41
CA LYS C 217 24.75 5.57 22.64
C LYS C 217 23.53 6.05 23.41
N GLY C 218 22.53 6.57 22.72
CA GLY C 218 21.44 7.26 23.38
C GLY C 218 20.09 6.61 23.13
N VAL C 219 19.10 7.06 23.91
CA VAL C 219 17.71 6.65 23.80
C VAL C 219 16.80 7.87 23.96
N ASP C 220 15.75 7.93 23.14
CA ASP C 220 14.72 8.96 23.24
C ASP C 220 13.64 8.38 24.13
N VAL C 221 13.57 8.85 25.39
CA VAL C 221 12.63 8.27 26.33
C VAL C 221 11.47 9.23 26.62
N SER C 222 11.03 9.99 25.60
CA SER C 222 10.13 11.12 25.85
C SER C 222 8.78 10.73 26.43
N SER C 223 8.40 9.46 26.31
CA SER C 223 7.12 9.00 26.86
C SER C 223 7.17 8.81 28.38
N ILE C 224 8.34 8.91 28.99
CA ILE C 224 8.52 8.50 30.38
C ILE C 224 7.56 9.25 31.32
N ILE C 225 7.41 10.57 31.13
CA ILE C 225 6.59 11.35 32.07
C ILE C 225 5.12 10.97 31.94
N ALA C 226 4.62 10.87 30.70
CA ALA C 226 3.22 10.46 30.57
C ALA C 226 3.00 9.03 31.06
N LEU C 227 3.94 8.13 30.80
CA LEU C 227 3.81 6.75 31.29
C LEU C 227 3.87 6.71 32.81
N GLU C 228 4.74 7.53 33.40
CA GLU C 228 4.91 7.59 34.84
C GLU C 228 3.69 8.21 35.50
N ASP C 229 3.13 9.24 34.87
CA ASP C 229 1.93 9.87 35.38
C ASP C 229 0.74 8.92 35.30
N SER C 230 0.79 7.92 34.42
CA SER C 230 -0.30 6.96 34.25
C SER C 230 -0.12 5.69 35.09
N GLY C 231 0.97 5.57 35.84
CA GLY C 231 1.12 4.47 36.77
C GLY C 231 2.06 3.40 36.33
N VAL C 232 2.67 3.57 35.17
CA VAL C 232 3.67 2.64 34.71
C VAL C 232 4.89 2.74 35.61
N LYS C 233 5.42 1.58 36.05
CA LYS C 233 6.56 1.53 36.95
C LYS C 233 7.63 0.63 36.37
N PHE C 234 8.88 1.06 36.52
CA PHE C 234 10.01 0.38 35.92
C PHE C 234 10.84 -0.26 37.02
N TYR C 235 11.55 -1.33 36.66
CA TYR C 235 12.26 -2.18 37.59
C TYR C 235 13.64 -2.39 37.01
N ASN C 236 14.48 -3.15 37.74
CA ASN C 236 15.78 -3.63 37.26
C ASN C 236 15.72 -5.11 36.88
N ALA C 237 16.88 -5.65 36.51
CA ALA C 237 16.98 -7.05 36.14
C ALA C 237 16.76 -7.94 37.37
N ALA C 238 17.41 -7.62 38.49
CA ALA C 238 17.11 -8.29 39.75
C ALA C 238 15.60 -8.33 40.06
N GLY C 239 14.83 -7.31 39.67
CA GLY C 239 13.40 -7.29 39.90
C GLY C 239 12.93 -6.18 40.83
N LYS C 240 13.84 -5.46 41.47
CA LYS C 240 13.46 -4.39 42.38
C LYS C 240 13.25 -3.10 41.60
N LYS C 241 12.38 -2.24 42.15
CA LYS C 241 12.06 -0.95 41.52
C LYS C 241 13.31 -0.10 41.27
N GLN C 242 13.40 0.49 40.07
CA GLN C 242 14.55 1.33 39.73
C GLN C 242 14.13 2.35 38.66
N ASP C 243 14.54 3.60 38.87
CA ASP C 243 14.27 4.66 37.90
C ASP C 243 14.88 4.30 36.56
N ILE C 244 14.15 4.64 35.48
CA ILE C 244 14.59 4.19 34.17
C ILE C 244 15.96 4.78 33.82
N PHE C 245 16.27 6.00 34.31
CA PHE C 245 17.57 6.59 33.99
C PHE C 245 18.71 5.94 34.76
N LYS C 246 18.45 5.38 35.94
CA LYS C 246 19.47 4.56 36.60
C LYS C 246 19.78 3.30 35.79
N THR C 247 18.74 2.50 35.53
CA THR C 247 18.87 1.34 34.65
C THR C 247 19.58 1.72 33.35
N LEU C 248 19.12 2.80 32.71
CA LEU C 248 19.66 3.23 31.44
C LEU C 248 21.12 3.61 31.54
N LYS C 249 21.48 4.37 32.58
CA LYS C 249 22.89 4.72 32.75
C LYS C 249 23.72 3.44 32.82
N GLU C 250 23.27 2.47 33.63
CA GLU C 250 23.99 1.22 33.84
C GLU C 250 24.21 0.47 32.52
N ALA C 251 23.21 0.49 31.64
CA ALA C 251 23.32 -0.17 30.35
C ALA C 251 24.32 0.49 29.42
N GLY C 252 24.82 1.67 29.78
CA GLY C 252 25.86 2.32 29.03
C GLY C 252 25.42 3.50 28.19
N ILE C 253 24.22 4.00 28.39
CA ILE C 253 23.73 5.11 27.57
C ILE C 253 24.33 6.41 28.09
N ASN C 254 24.83 7.24 27.16
CA ASN C 254 25.45 8.53 27.47
C ASN C 254 24.59 9.71 27.05
N TYR C 255 23.43 9.48 26.46
CA TYR C 255 22.67 10.54 25.84
C TYR C 255 21.19 10.23 25.94
N VAL C 256 20.39 11.26 26.12
CA VAL C 256 18.95 11.14 26.06
C VAL C 256 18.42 12.17 25.08
N ARG C 257 17.40 11.77 24.31
CA ARG C 257 16.78 12.63 23.30
C ARG C 257 15.36 12.93 23.73
N VAL C 258 14.96 14.19 23.57
CA VAL C 258 13.63 14.63 23.95
C VAL C 258 12.98 15.41 22.81
N ARG C 259 11.68 15.20 22.60
CA ARG C 259 10.94 15.98 21.63
C ARG C 259 10.26 17.14 22.34
N VAL C 260 10.17 18.28 21.66
CA VAL C 260 9.50 19.45 22.20
C VAL C 260 8.49 19.95 21.18
N TRP C 261 7.21 19.92 21.56
CA TRP C 261 6.14 20.52 20.78
C TRP C 261 5.77 21.84 21.44
N ASN C 262 5.40 22.86 20.66
CA ASN C 262 5.30 24.19 21.26
C ASN C 262 4.07 24.29 22.14
N ASP C 263 2.91 23.88 21.63
CA ASP C 263 1.75 23.68 22.50
C ASP C 263 1.07 22.36 22.16
N PRO C 264 1.49 21.23 22.85
CA PRO C 264 0.97 19.90 22.51
C PRO C 264 -0.37 19.59 23.15
N TYR C 265 -1.17 20.65 23.31
CA TYR C 265 -2.40 20.65 24.11
C TYR C 265 -3.46 21.39 23.32
N ASP C 266 -4.72 21.02 23.54
CA ASP C 266 -5.81 21.74 22.90
C ASP C 266 -6.13 23.02 23.67
N ALA C 267 -7.31 23.58 23.42
CA ALA C 267 -7.64 24.88 23.99
C ALA C 267 -7.95 24.77 25.48
N LYS C 268 -8.67 23.71 25.88
CA LYS C 268 -9.07 23.54 27.27
C LYS C 268 -7.99 22.83 28.10
N GLY C 269 -6.74 22.78 27.60
CA GLY C 269 -5.67 22.16 28.33
C GLY C 269 -5.51 20.67 28.12
N HIS C 270 -6.31 20.05 27.28
CA HIS C 270 -6.24 18.62 27.06
C HIS C 270 -5.09 18.29 26.10
N GLY C 271 -4.24 17.36 26.52
CA GLY C 271 -3.08 17.02 25.71
C GLY C 271 -3.43 16.27 24.45
N TYR C 272 -2.62 16.54 23.42
CA TYR C 272 -2.73 15.90 22.12
C TYR C 272 -2.34 14.42 22.19
N GLY C 273 -1.70 13.98 23.27
CA GLY C 273 -1.16 12.65 23.43
C GLY C 273 0.33 12.61 23.17
N GLY C 274 0.80 11.45 22.71
CA GLY C 274 2.19 11.24 22.38
C GLY C 274 3.17 11.58 23.47
N GLY C 275 2.73 11.54 24.72
CA GLY C 275 3.51 11.99 25.84
C GLY C 275 3.32 13.45 26.24
N ASN C 276 2.49 14.20 25.53
CA ASN C 276 2.22 15.60 25.79
C ASN C 276 3.52 16.35 26.02
N ASN C 277 4.41 16.23 25.06
CA ASN C 277 5.79 16.70 25.23
C ASN C 277 5.96 18.18 24.93
N ASP C 278 6.30 18.93 25.97
CA ASP C 278 6.45 20.37 26.00
C ASP C 278 7.81 20.71 26.63
N LEU C 279 8.07 21.99 26.85
CA LEU C 279 9.34 22.38 27.47
C LEU C 279 9.46 21.82 28.88
N GLU C 280 8.35 21.76 29.62
CA GLU C 280 8.42 21.36 31.03
C GLU C 280 8.84 19.91 31.16
N LYS C 281 8.22 19.04 30.37
CA LYS C 281 8.57 17.62 30.35
C LYS C 281 9.99 17.44 29.85
N ALA C 282 10.42 18.27 28.91
CA ALA C 282 11.80 18.18 28.46
C ALA C 282 12.78 18.60 29.56
N ILE C 283 12.43 19.63 30.34
CA ILE C 283 13.34 20.10 31.40
C ILE C 283 13.50 19.05 32.49
N GLU C 284 12.41 18.40 32.90
CA GLU C 284 12.46 17.25 33.80
C GLU C 284 13.40 16.18 33.25
N ILE C 285 13.14 15.78 32.01
CA ILE C 285 13.92 14.72 31.39
C ILE C 285 15.40 15.11 31.31
N GLY C 286 15.67 16.38 30.95
CA GLY C 286 17.05 16.83 30.80
C GLY C 286 17.79 16.97 32.12
N LYS C 287 17.06 17.29 33.19
CA LYS C 287 17.63 17.27 34.54
C LYS C 287 17.90 15.85 34.99
N ARG C 288 16.88 14.98 34.90
CA ARG C 288 17.04 13.57 35.23
C ARG C 288 18.18 12.93 34.46
N ALA C 289 18.29 13.24 33.16
CA ALA C 289 19.39 12.76 32.35
C ALA C 289 20.73 13.28 32.86
N THR C 290 20.81 14.59 33.13
CA THR C 290 22.08 15.18 33.56
C THR C 290 22.50 14.65 34.93
N ALA C 291 21.53 14.28 35.78
CA ALA C 291 21.88 13.63 37.03
C ALA C 291 22.54 12.28 36.79
N SER C 292 22.09 11.53 35.78
CA SER C 292 22.59 10.20 35.53
C SER C 292 23.78 10.17 34.57
N GLY C 293 24.51 11.27 34.43
CA GLY C 293 25.65 11.33 33.56
C GLY C 293 25.35 11.42 32.08
N MET C 294 24.16 11.88 31.70
CA MET C 294 23.72 11.83 30.32
C MET C 294 23.52 13.24 29.76
N LYS C 295 24.16 13.50 28.61
CA LYS C 295 23.95 14.70 27.81
C LYS C 295 22.57 14.63 27.17
N LEU C 296 22.02 15.78 26.77
CA LEU C 296 20.68 15.78 26.22
C LEU C 296 20.71 16.24 24.77
N LEU C 297 19.75 15.75 23.99
CA LEU C 297 19.50 16.22 22.64
C LEU C 297 18.08 16.73 22.59
N VAL C 298 17.91 18.00 22.26
CA VAL C 298 16.58 18.59 22.20
C VAL C 298 16.16 18.56 20.74
N ASP C 299 15.18 17.73 20.41
CA ASP C 299 14.60 17.69 19.09
C ASP C 299 13.38 18.60 19.12
N PHE C 300 13.48 19.73 18.42
CA PHE C 300 12.36 20.65 18.29
C PHE C 300 11.58 20.23 17.05
N HIS C 301 10.37 19.71 17.25
CA HIS C 301 9.55 19.48 16.06
C HIS C 301 9.14 20.79 15.41
N TYR C 302 9.12 21.88 16.18
CA TYR C 302 8.56 23.15 15.72
C TYR C 302 7.16 22.90 15.15
N SER C 303 6.35 22.21 15.95
CA SER C 303 4.95 21.93 15.63
C SER C 303 4.23 21.76 16.96
N ASP C 304 2.93 21.54 16.91
CA ASP C 304 2.25 21.20 18.16
C ASP C 304 1.92 19.72 18.24
N PHE C 305 2.42 18.94 17.30
CA PHE C 305 2.29 17.49 17.35
C PHE C 305 3.37 16.84 16.50
N TRP C 306 3.16 15.58 16.14
CA TRP C 306 4.18 14.81 15.44
C TRP C 306 4.54 15.51 14.14
N ALA C 307 5.84 15.74 13.92
CA ALA C 307 6.32 16.28 12.64
C ALA C 307 7.06 15.20 11.86
N ASP C 308 6.59 14.91 10.64
CA ASP C 308 7.18 13.87 9.80
C ASP C 308 7.18 14.38 8.36
N PRO C 309 7.68 13.62 7.37
CA PRO C 309 7.72 14.20 6.01
C PRO C 309 6.34 14.51 5.47
N ALA C 310 5.32 13.79 5.94
CA ALA C 310 3.94 13.99 5.51
C ALA C 310 3.26 15.14 6.24
N LYS C 311 3.67 15.39 7.48
CA LYS C 311 3.03 16.33 8.39
C LYS C 311 4.10 17.25 8.98
N GLN C 312 4.16 18.50 8.53
CA GLN C 312 5.00 19.49 9.21
C GLN C 312 4.15 20.73 9.50
N ARG C 313 2.98 20.48 10.11
CA ARG C 313 2.01 21.52 10.40
C ARG C 313 2.64 22.60 11.30
N PRO C 314 2.47 23.89 10.99
CA PRO C 314 3.02 24.93 11.87
C PRO C 314 2.34 24.90 13.22
N PRO C 315 3.03 25.30 14.28
CA PRO C 315 2.37 25.53 15.57
C PRO C 315 1.13 26.40 15.40
N LYS C 316 0.11 26.14 16.24
CA LYS C 316 -1.14 26.90 16.15
C LYS C 316 -0.90 28.40 16.24
N ALA C 317 0.03 28.82 17.11
CA ALA C 317 0.35 30.23 17.24
C ALA C 317 1.07 30.77 16.01
N TRP C 318 1.96 30.00 15.43
CA TRP C 318 2.62 30.47 14.22
C TRP C 318 1.77 30.25 12.97
N ALA C 319 0.60 29.63 13.08
CA ALA C 319 -0.17 29.30 11.89
C ALA C 319 -0.67 30.54 11.16
N LYS C 320 -0.97 31.60 11.93
CA LYS C 320 -1.51 32.86 11.44
C LYS C 320 -0.42 33.89 11.19
N LEU C 321 0.85 33.51 11.26
CA LEU C 321 1.94 34.44 11.10
C LEU C 321 2.38 34.44 9.64
N ASN C 322 3.05 35.52 9.22
CA ASN C 322 3.73 35.55 7.93
C ASN C 322 5.15 35.01 8.05
N PHE C 323 5.75 34.73 6.88
CA PHE C 323 7.05 34.06 6.87
C PHE C 323 8.00 34.78 7.79
N GLU C 324 8.04 36.11 7.73
CA GLU C 324 9.05 36.83 8.47
C GLU C 324 8.83 36.69 9.98
N ALA C 325 7.55 36.63 10.40
CA ALA C 325 7.26 36.44 11.82
C ALA C 325 7.56 35.01 12.26
N LYS C 326 7.09 34.01 11.48
CA LYS C 326 7.50 32.63 11.73
C LYS C 326 8.99 32.52 11.97
N LYS C 327 9.79 33.13 11.10
CA LYS C 327 11.23 33.06 11.25
C LYS C 327 11.67 33.69 12.57
N LYS C 328 11.02 34.78 12.99
CA LYS C 328 11.41 35.44 14.24
C LYS C 328 11.00 34.60 15.45
N ALA C 329 9.79 34.01 15.41
CA ALA C 329 9.32 33.23 16.54
C ALA C 329 10.19 31.99 16.75
N LEU C 330 10.54 31.31 15.65
CA LEU C 330 11.38 30.12 15.74
C LEU C 330 12.69 30.42 16.44
N TYR C 331 13.32 31.54 16.10
CA TYR C 331 14.52 31.96 16.80
C TYR C 331 14.25 32.16 18.29
N ARG C 332 13.23 32.94 18.62
CA ARG C 332 12.94 33.26 20.02
C ARG C 332 12.61 32.00 20.80
N PHE C 333 11.73 31.14 20.26
CA PHE C 333 11.35 29.92 20.96
C PHE C 333 12.58 29.08 21.24
N THR C 334 13.44 28.93 20.24
CA THR C 334 14.65 28.15 20.42
C THR C 334 15.56 28.76 21.48
N LYS C 335 15.71 30.08 21.48
CA LYS C 335 16.66 30.73 22.38
C LYS C 335 16.16 30.68 23.81
N GLU C 336 14.89 31.03 24.01
CA GLU C 336 14.23 30.98 25.31
C GLU C 336 14.19 29.56 25.86
N SER C 337 13.81 28.59 25.03
CA SER C 337 13.66 27.21 25.49
C SER C 337 15.00 26.62 25.91
N LEU C 338 16.05 26.89 25.13
CA LEU C 338 17.39 26.41 25.49
C LEU C 338 17.90 27.13 26.72
N LYS C 339 17.49 28.39 26.90
CA LYS C 339 17.92 29.16 28.06
C LYS C 339 17.35 28.57 29.33
N ALA C 340 16.06 28.20 29.32
CA ALA C 340 15.45 27.64 30.53
C ALA C 340 16.18 26.39 30.96
N MET C 341 16.45 25.49 30.02
CA MET C 341 17.19 24.27 30.28
C MET C 341 18.57 24.59 30.85
N LEU C 342 19.31 25.50 30.20
CA LEU C 342 20.63 25.87 30.69
C LEU C 342 20.57 26.45 32.10
N LYS C 343 19.54 27.26 32.40
CA LYS C 343 19.39 27.82 33.74
C LYS C 343 19.21 26.72 34.79
N GLU C 344 18.59 25.61 34.40
CA GLU C 344 18.42 24.45 35.24
C GLU C 344 19.63 23.55 35.16
N LYS C 345 20.68 24.00 34.47
CA LYS C 345 21.98 23.33 34.40
C LYS C 345 21.88 21.96 33.75
N ILE C 346 20.91 21.83 32.85
CA ILE C 346 20.84 20.69 31.95
C ILE C 346 22.00 20.74 30.98
N GLN C 347 22.70 19.62 30.82
CA GLN C 347 23.78 19.55 29.85
C GLN C 347 23.21 19.14 28.51
N VAL C 348 23.27 20.08 27.55
CA VAL C 348 22.72 19.92 26.21
C VAL C 348 23.90 19.86 25.24
N GLY C 349 23.98 18.80 24.46
CA GLY C 349 25.09 18.64 23.55
C GLY C 349 24.68 18.90 22.11
N MET C 350 23.42 18.63 21.82
CA MET C 350 22.88 18.74 20.47
C MET C 350 21.52 19.40 20.56
N VAL C 351 21.11 20.04 19.47
CA VAL C 351 19.74 20.48 19.27
C VAL C 351 19.36 20.19 17.83
N GLN C 352 18.21 19.54 17.62
CA GLN C 352 17.70 19.32 16.27
C GLN C 352 16.82 20.50 15.86
N ILE C 353 17.06 21.02 14.66
CA ILE C 353 16.15 22.02 14.06
C ILE C 353 15.21 21.25 13.15
N GLY C 354 14.16 20.66 13.77
CA GLY C 354 13.08 19.95 13.10
C GLY C 354 13.24 18.43 13.20
N ASN C 355 12.20 17.74 12.71
CA ASN C 355 12.15 16.28 12.73
C ASN C 355 11.76 15.77 11.35
N GLU C 356 12.69 15.05 10.70
CA GLU C 356 12.48 14.50 9.37
C GLU C 356 11.87 15.54 8.43
N THR C 357 12.57 16.66 8.33
CA THR C 357 12.20 17.78 7.44
C THR C 357 12.59 17.46 6.00
N ASN C 358 11.95 16.43 5.46
CA ASN C 358 12.17 16.00 4.08
C ASN C 358 11.33 16.86 3.12
N GLY C 359 11.77 18.10 2.95
CA GLY C 359 11.07 19.03 2.10
C GLY C 359 9.85 19.70 2.72
N ALA C 360 9.71 19.69 4.04
CA ALA C 360 8.69 20.48 4.73
C ALA C 360 9.25 20.99 6.05
N PHE C 361 8.73 22.13 6.50
CA PHE C 361 9.17 22.73 7.75
C PHE C 361 8.25 23.88 8.09
N VAL C 362 7.48 23.72 9.17
CA VAL C 362 6.54 24.73 9.65
C VAL C 362 5.70 25.24 8.47
N GLY C 363 4.92 24.35 7.85
CA GLY C 363 4.02 24.80 6.81
C GLY C 363 4.65 25.29 5.51
N GLU C 364 5.94 25.01 5.28
CA GLU C 364 6.65 25.46 4.10
C GLU C 364 7.12 24.29 3.26
N THR C 365 6.90 24.36 1.95
CA THR C 365 7.38 23.33 1.05
C THR C 365 8.55 23.80 0.19
N ASP C 366 8.94 25.05 0.34
CA ASP C 366 10.01 25.66 -0.45
C ASP C 366 11.34 25.52 0.25
N TRP C 367 12.32 24.89 -0.43
CA TRP C 367 13.61 24.66 0.21
C TRP C 367 14.36 25.95 0.50
N ALA C 368 14.14 26.98 -0.30
CA ALA C 368 14.69 28.28 0.06
C ALA C 368 14.08 28.78 1.36
N LYS C 369 12.75 28.76 1.45
CA LYS C 369 12.08 29.19 2.68
C LYS C 369 12.41 28.24 3.83
N ILE C 370 12.51 26.95 3.55
CA ILE C 370 12.81 25.99 4.60
C ILE C 370 14.18 26.26 5.20
N CYS C 371 15.17 26.52 4.35
CA CYS C 371 16.50 26.75 4.90
C CYS C 371 16.56 28.03 5.69
N GLU C 372 15.76 29.04 5.31
CA GLU C 372 15.74 30.30 6.05
C GLU C 372 15.27 30.05 7.47
N LEU C 373 14.17 29.32 7.58
CA LEU C 373 13.62 28.91 8.86
C LEU C 373 14.62 28.04 9.63
N LEU C 374 15.32 27.15 8.93
CA LEU C 374 16.33 26.31 9.59
C LEU C 374 17.42 27.16 10.20
N ASN C 375 17.90 28.16 9.44
CA ASN C 375 18.98 29.02 9.92
C ASN C 375 18.58 29.81 11.14
N ALA C 376 17.31 30.20 11.22
CA ALA C 376 16.83 30.89 12.41
C ALA C 376 17.12 30.07 13.67
N GLY C 377 16.69 28.81 13.69
CA GLY C 377 16.99 27.98 14.85
C GLY C 377 18.48 27.84 15.08
N SER C 378 19.23 27.54 14.02
CA SER C 378 20.67 27.36 14.12
C SER C 378 21.32 28.55 14.79
N ARG C 379 20.85 29.77 14.48
CA ARG C 379 21.40 30.97 15.10
C ARG C 379 21.22 30.95 16.61
N ALA C 380 19.99 30.67 17.09
CA ALA C 380 19.72 30.66 18.52
C ALA C 380 20.59 29.64 19.25
N VAL C 381 20.71 28.45 18.68
CA VAL C 381 21.61 27.45 19.23
C VAL C 381 23.02 28.01 19.33
N ARG C 382 23.50 28.62 18.23
CA ARG C 382 24.86 29.16 18.13
C ARG C 382 25.08 30.36 19.06
N GLU C 383 24.01 31.08 19.39
CA GLU C 383 24.14 32.18 20.33
C GLU C 383 24.17 31.67 21.76
N THR C 384 23.36 30.64 22.04
CA THR C 384 23.33 30.07 23.39
C THR C 384 24.68 29.48 23.79
N SER C 385 25.28 28.65 22.92
CA SER C 385 26.61 28.09 23.14
C SER C 385 27.28 27.75 21.83
N PRO C 386 28.60 27.91 21.74
CA PRO C 386 29.36 27.42 20.59
C PRO C 386 29.63 25.92 20.65
N ASN C 387 29.16 25.28 21.73
CA ASN C 387 29.43 23.91 22.11
C ASN C 387 28.16 23.05 22.07
N ILE C 388 27.06 23.61 21.59
CA ILE C 388 25.85 22.84 21.31
C ILE C 388 25.78 22.62 19.81
N LEU C 389 25.87 21.34 19.41
CA LEU C 389 25.89 20.96 18.01
C LEU C 389 24.51 21.10 17.40
N VAL C 390 24.49 21.51 16.13
CA VAL C 390 23.26 21.77 15.41
C VAL C 390 23.03 20.57 14.50
N VAL C 391 22.03 19.77 14.87
CA VAL C 391 21.60 18.61 14.11
C VAL C 391 20.46 18.99 13.20
N LEU C 392 20.50 18.46 11.98
CA LEU C 392 19.41 18.57 11.03
C LEU C 392 18.94 17.14 10.79
N HIS C 393 17.61 16.92 10.78
CA HIS C 393 17.07 15.55 10.76
C HIS C 393 16.26 15.25 9.51
N PHE C 394 16.74 14.30 8.68
CA PHE C 394 16.03 13.83 7.48
C PHE C 394 15.82 12.32 7.54
N THR C 395 14.89 11.81 6.72
CA THR C 395 14.62 10.38 6.80
C THR C 395 14.67 9.82 5.38
N ASN C 396 14.06 8.66 5.19
CA ASN C 396 14.14 7.87 3.97
C ASN C 396 15.50 7.91 3.30
N PRO C 397 16.50 7.31 3.94
CA PRO C 397 17.81 7.16 3.29
C PRO C 397 17.79 6.26 2.08
N GLU C 398 16.80 5.36 1.97
CA GLU C 398 16.77 4.37 0.90
C GLU C 398 16.64 5.04 -0.47
N THR C 399 15.88 6.12 -0.55
CA THR C 399 15.62 6.77 -1.81
C THR C 399 16.93 7.19 -2.48
N PRO C 400 17.19 6.74 -3.71
CA PRO C 400 18.43 7.09 -4.40
C PRO C 400 18.57 8.60 -4.62
N GLY C 401 19.66 9.15 -4.10
CA GLY C 401 20.05 10.51 -4.35
C GLY C 401 19.49 11.54 -3.38
N ARG C 402 18.56 11.15 -2.52
CA ARG C 402 17.85 12.12 -1.67
C ARG C 402 18.79 12.84 -0.71
N TYR C 403 19.66 12.09 -0.01
CA TYR C 403 20.54 12.74 0.97
C TYR C 403 21.60 13.59 0.30
N ALA C 404 22.01 13.19 -0.91
CA ALA C 404 22.97 14.00 -1.66
C ALA C 404 22.34 15.32 -2.09
N SER C 405 21.08 15.29 -2.57
CA SER C 405 20.42 16.53 -3.00
C SER C 405 20.07 17.44 -1.84
N ILE C 406 19.63 16.84 -0.72
CA ILE C 406 19.33 17.59 0.49
C ILE C 406 20.57 18.34 0.96
N ALA C 407 21.69 17.62 1.08
CA ALA C 407 22.94 18.25 1.52
C ALA C 407 23.35 19.38 0.59
N LYS C 408 23.15 19.21 -0.72
CA LYS C 408 23.48 20.27 -1.66
C LYS C 408 22.62 21.50 -1.44
N THR C 409 21.31 21.32 -1.27
CA THR C 409 20.47 22.47 -0.99
C THR C 409 20.90 23.17 0.28
N LEU C 410 21.29 22.42 1.30
CA LEU C 410 21.72 23.05 2.53
C LEU C 410 23.03 23.81 2.36
N ALA C 411 23.87 23.40 1.41
CA ALA C 411 25.08 24.18 1.17
C ALA C 411 24.78 25.40 0.30
N GLU C 412 24.01 25.21 -0.77
CA GLU C 412 23.64 26.34 -1.63
C GLU C 412 22.96 27.44 -0.82
N HIS C 413 21.99 27.09 0.01
CA HIS C 413 21.23 28.08 0.76
C HIS C 413 21.91 28.42 2.10
N LYS C 414 23.17 28.02 2.27
CA LYS C 414 24.04 28.44 3.35
C LYS C 414 23.39 28.29 4.72
N VAL C 415 22.98 27.04 5.03
CA VAL C 415 22.51 26.64 6.35
C VAL C 415 23.70 26.27 7.22
N ASP C 416 23.67 26.72 8.49
CA ASP C 416 24.67 26.36 9.50
C ASP C 416 24.22 25.15 10.30
N TYR C 417 24.82 23.99 10.02
CA TYR C 417 24.53 22.79 10.78
C TYR C 417 25.86 22.06 10.97
N ASP C 418 25.91 21.25 12.01
CA ASP C 418 27.11 20.51 12.35
C ASP C 418 26.97 19.03 12.11
N VAL C 419 25.77 18.51 12.27
CA VAL C 419 25.50 17.09 12.17
C VAL C 419 24.36 16.87 11.17
N PHE C 420 24.55 15.94 10.24
CA PHE C 420 23.50 15.47 9.34
C PHE C 420 22.94 14.18 9.92
N ALA C 421 21.72 14.23 10.48
CA ALA C 421 21.15 13.05 11.11
C ALA C 421 20.11 12.35 10.23
N SER C 422 20.13 11.02 10.29
CA SER C 422 19.18 10.14 9.62
C SER C 422 18.39 9.33 10.61
N SER C 423 17.19 8.95 10.18
CA SER C 423 16.39 7.93 10.82
C SER C 423 16.67 6.64 10.11
N TYR C 424 16.92 5.56 10.84
CA TYR C 424 17.10 4.26 10.17
C TYR C 424 16.37 3.19 10.99
N TYR C 425 15.08 3.01 10.68
CA TYR C 425 14.32 1.86 11.16
C TYR C 425 14.53 0.75 10.14
N PRO C 426 15.12 -0.40 10.52
CA PRO C 426 15.53 -1.38 9.49
C PRO C 426 14.38 -1.89 8.65
N PHE C 427 13.14 -1.84 9.14
CA PHE C 427 12.03 -2.36 8.34
C PHE C 427 11.59 -1.41 7.22
N TRP C 428 11.91 -0.12 7.30
CA TRP C 428 11.48 0.82 6.27
C TRP C 428 12.58 1.46 5.41
N HIS C 429 13.84 1.48 5.83
CA HIS C 429 14.79 2.42 5.26
C HIS C 429 16.00 1.78 4.59
N GLY C 430 15.88 0.54 4.12
CA GLY C 430 16.85 -0.01 3.21
C GLY C 430 18.06 -0.66 3.85
N THR C 431 19.11 -0.82 3.04
CA THR C 431 20.23 -1.63 3.49
C THR C 431 21.05 -0.85 4.49
N LEU C 432 21.85 -1.60 5.26
CA LEU C 432 22.86 -1.02 6.12
C LEU C 432 23.98 -0.39 5.29
N ALA C 433 24.31 -0.98 4.14
CA ALA C 433 25.34 -0.44 3.25
C ALA C 433 24.94 0.93 2.73
N ASN C 434 23.68 1.09 2.30
CA ASN C 434 23.17 2.40 1.92
C ASN C 434 23.40 3.43 3.00
N LEU C 435 22.90 3.17 4.20
CA LEU C 435 23.02 4.14 5.27
C LEU C 435 24.46 4.64 5.39
N THR C 436 25.41 3.71 5.42
CA THR C 436 26.80 4.10 5.60
C THR C 436 27.27 4.93 4.41
N SER C 437 26.85 4.57 3.20
CA SER C 437 27.34 5.24 2.01
C SER C 437 26.77 6.63 1.88
N VAL C 438 25.46 6.78 2.10
CA VAL C 438 24.80 8.07 1.94
C VAL C 438 25.19 9.02 3.06
N LEU C 439 25.45 8.48 4.26
CA LEU C 439 25.89 9.31 5.37
C LEU C 439 27.36 9.70 5.19
N LYS C 440 28.16 8.78 4.64
CA LYS C 440 29.57 9.05 4.30
C LYS C 440 29.68 10.12 3.22
N TYR C 441 28.88 10.01 2.16
CA TYR C 441 29.00 10.96 1.06
C TYR C 441 28.88 12.37 1.62
N VAL C 442 27.81 12.61 2.35
CA VAL C 442 27.56 13.90 2.96
C VAL C 442 28.72 14.31 3.86
N ALA C 443 29.18 13.40 4.71
CA ALA C 443 30.25 13.71 5.65
C ALA C 443 31.52 14.20 4.94
N ASN C 444 31.95 13.50 3.91
CA ASN C 444 33.23 13.83 3.27
C ASN C 444 33.07 14.98 2.27
N THR C 445 31.95 14.98 1.51
CA THR C 445 31.68 16.05 0.55
C THR C 445 31.44 17.37 1.27
N TYR C 446 30.48 17.40 2.17
CA TYR C 446 30.09 18.63 2.84
C TYR C 446 30.72 18.81 4.22
N LEU C 447 31.70 17.98 4.59
CA LEU C 447 32.54 18.15 5.80
C LEU C 447 31.72 18.25 7.09
N LYS C 448 30.70 17.40 7.21
CA LYS C 448 29.78 17.45 8.33
C LYS C 448 29.90 16.12 9.08
N LYS C 449 29.49 16.11 10.34
CA LYS C 449 29.34 14.85 11.03
C LYS C 449 27.95 14.26 10.75
N VAL C 450 27.79 12.99 11.13
CA VAL C 450 26.60 12.22 10.77
C VAL C 450 26.22 11.36 11.97
N MET C 451 24.96 10.97 12.04
CA MET C 451 24.50 10.07 13.11
C MET C 451 23.13 9.53 12.72
N VAL C 452 22.68 8.56 13.51
CA VAL C 452 21.35 7.99 13.41
C VAL C 452 20.54 8.50 14.61
N ALA C 453 19.47 9.23 14.33
CA ALA C 453 18.68 9.81 15.39
C ALA C 453 17.54 8.92 15.84
N GLU C 454 17.01 8.06 14.98
CA GLU C 454 15.92 7.17 15.34
C GLU C 454 16.14 5.79 14.75
N THR C 455 16.05 4.77 15.61
CA THR C 455 16.13 3.38 15.21
C THR C 455 15.36 2.57 16.23
N SER C 456 14.72 1.50 15.76
CA SER C 456 13.93 0.61 16.61
C SER C 456 13.77 -0.72 15.87
N TYR C 457 13.44 -1.78 16.63
CA TYR C 457 13.17 -3.08 16.04
C TYR C 457 12.27 -3.83 17.01
N PRO C 458 11.38 -4.69 16.54
CA PRO C 458 10.51 -5.44 17.47
C PRO C 458 11.23 -6.67 18.04
N TYR C 459 10.92 -7.00 19.31
CA TYR C 459 11.35 -8.22 20.01
C TYR C 459 10.23 -9.24 20.17
N THR C 460 8.98 -8.86 19.95
CA THR C 460 7.81 -9.73 20.09
C THR C 460 6.85 -9.40 18.96
N THR C 461 5.95 -10.35 18.67
CA THR C 461 4.87 -10.07 17.74
C THR C 461 3.66 -9.56 18.47
N GLU C 462 3.68 -9.65 19.80
CA GLU C 462 2.54 -9.42 20.67
C GLU C 462 2.26 -7.94 20.89
N ASP C 463 1.01 -7.65 21.23
CA ASP C 463 0.64 -6.32 21.67
C ASP C 463 0.38 -6.29 23.16
N GLY C 464 0.91 -5.27 23.83
CA GLY C 464 0.79 -5.23 25.26
C GLY C 464 -0.21 -4.24 25.82
N ASP C 465 -0.82 -3.38 25.00
CA ASP C 465 -1.70 -2.35 25.52
C ASP C 465 -3.07 -2.32 24.84
N GLY C 466 -3.25 -3.01 23.72
CA GLY C 466 -4.52 -3.03 23.03
C GLY C 466 -4.66 -2.05 21.88
N HIS C 467 -3.60 -1.33 21.53
CA HIS C 467 -3.51 -0.49 20.35
C HIS C 467 -2.56 -1.15 19.37
N GLU C 468 -2.97 -1.31 18.11
CA GLU C 468 -2.19 -2.05 17.13
C GLU C 468 -0.79 -1.48 16.99
N ASN C 469 0.20 -2.36 16.87
CA ASN C 469 1.56 -1.92 16.78
C ASN C 469 2.03 -1.74 15.35
N THR C 470 3.02 -0.86 15.21
CA THR C 470 3.44 -0.39 13.89
C THR C 470 4.21 -1.45 13.14
N ALA C 471 5.10 -2.15 13.84
CA ALA C 471 5.84 -3.28 13.33
C ALA C 471 5.76 -4.37 14.37
N PRO C 472 5.90 -5.65 13.97
CA PRO C 472 6.18 -6.16 12.62
C PRO C 472 4.95 -6.07 11.77
N LYS C 473 5.08 -6.10 10.45
CA LYS C 473 3.91 -6.22 9.59
C LYS C 473 4.22 -7.10 8.41
N SER C 474 3.17 -7.65 7.78
CA SER C 474 3.37 -8.64 6.70
C SER C 474 3.72 -7.99 5.38
N SER C 475 3.16 -6.83 5.11
CA SER C 475 3.12 -6.34 3.75
C SER C 475 4.19 -5.29 3.49
N GLY C 476 4.37 -4.33 4.39
CA GLY C 476 5.08 -3.12 4.07
C GLY C 476 6.52 -3.04 4.56
N GLN C 477 6.99 -4.07 5.27
CA GLN C 477 8.19 -3.99 6.07
C GLN C 477 9.18 -5.06 5.67
N THR C 478 10.45 -4.70 5.66
CA THR C 478 11.56 -5.62 5.39
C THR C 478 12.13 -6.03 6.74
N LEU C 479 11.71 -7.19 7.24
CA LEU C 479 12.16 -7.68 8.54
C LEU C 479 13.24 -8.73 8.29
N ASN C 480 14.50 -8.37 8.48
CA ASN C 480 15.57 -9.31 8.17
C ASN C 480 16.15 -9.96 9.41
N TYR C 481 15.86 -9.45 10.55
CA TYR C 481 16.26 -10.03 11.82
C TYR C 481 15.03 -10.71 12.45
N PRO C 482 15.19 -11.81 13.20
CA PRO C 482 14.02 -12.49 13.78
C PRO C 482 13.33 -11.64 14.84
N ILE C 483 12.02 -11.82 14.97
CA ILE C 483 11.25 -10.98 15.89
C ILE C 483 11.41 -11.51 17.31
N THR C 484 12.62 -11.39 17.84
CA THR C 484 13.01 -12.00 19.09
C THR C 484 13.84 -10.96 19.85
N VAL C 485 14.12 -11.24 21.12
CA VAL C 485 14.96 -10.30 21.86
C VAL C 485 16.38 -10.30 21.28
N GLN C 486 16.88 -11.47 20.85
CA GLN C 486 18.15 -11.49 20.13
C GLN C 486 18.07 -10.74 18.81
N GLY C 487 16.97 -10.94 18.06
CA GLY C 487 16.82 -10.27 16.78
C GLY C 487 16.85 -8.76 16.92
N GLN C 488 16.13 -8.24 17.91
CA GLN C 488 16.23 -6.84 18.31
C GLN C 488 17.69 -6.43 18.50
N ALA C 489 18.44 -7.17 19.32
CA ALA C 489 19.77 -6.75 19.72
C ALA C 489 20.73 -6.69 18.54
N ASN C 490 20.60 -7.63 17.58
CA ASN C 490 21.44 -7.65 16.39
C ASN C 490 21.13 -6.50 15.44
N ALA C 491 19.84 -6.18 15.28
CA ALA C 491 19.48 -5.00 14.53
C ALA C 491 20.21 -3.76 15.08
N ILE C 492 20.06 -3.47 16.40
CA ILE C 492 20.73 -2.33 17.02
C ILE C 492 22.24 -2.39 16.78
N ARG C 493 22.88 -3.51 17.14
CA ARG C 493 24.31 -3.60 16.94
C ARG C 493 24.69 -3.26 15.51
N ASP C 494 23.92 -3.76 14.52
CA ASP C 494 24.30 -3.53 13.12
C ASP C 494 24.04 -2.11 12.67
N VAL C 495 23.15 -1.39 13.35
CA VAL C 495 23.02 0.01 12.99
C VAL C 495 24.15 0.82 13.65
N ILE C 496 24.63 0.36 14.82
CA ILE C 496 25.78 0.98 15.47
C ILE C 496 27.05 0.79 14.63
N GLN C 497 27.25 -0.40 14.07
CA GLN C 497 28.39 -0.64 13.18
C GLN C 497 28.30 0.20 11.89
N ALA C 498 27.12 0.31 11.28
CA ALA C 498 27.00 1.09 10.05
C ALA C 498 27.44 2.53 10.24
N VAL C 499 27.06 3.14 11.36
CA VAL C 499 27.48 4.50 11.66
C VAL C 499 28.98 4.56 11.89
N ALA C 500 29.49 3.71 12.80
CA ALA C 500 30.93 3.61 12.99
C ALA C 500 31.70 3.29 11.70
N ALA C 501 31.05 2.65 10.71
CA ALA C 501 31.68 2.40 9.41
C ALA C 501 31.80 3.64 8.55
N VAL C 502 31.10 4.71 8.90
CA VAL C 502 31.40 6.00 8.28
C VAL C 502 32.82 6.43 8.62
N GLY C 503 33.25 6.13 9.84
CA GLY C 503 34.54 6.58 10.34
C GLY C 503 34.36 7.51 11.52
N LYS C 504 35.33 8.41 11.69
CA LYS C 504 35.24 9.44 12.72
C LYS C 504 34.05 10.38 12.53
N PRO C 505 33.51 10.57 11.31
CA PRO C 505 32.28 11.37 11.20
C PRO C 505 31.06 10.76 11.87
N GLY C 506 30.88 9.44 11.83
CA GLY C 506 29.68 8.85 12.38
C GLY C 506 29.72 8.86 13.88
N ILE C 507 28.83 9.62 14.53
CA ILE C 507 29.04 9.95 15.93
C ILE C 507 28.11 9.21 16.89
N GLY C 508 27.08 8.54 16.40
CA GLY C 508 26.22 7.82 17.34
C GLY C 508 24.96 7.28 16.72
N VAL C 509 24.19 6.61 17.59
CA VAL C 509 22.92 5.97 17.29
C VAL C 509 22.00 6.20 18.49
N PHE C 510 20.81 6.75 18.26
CA PHE C 510 19.78 6.91 19.27
C PHE C 510 18.70 5.86 19.04
N TYR C 511 18.27 5.16 20.09
CA TYR C 511 17.14 4.25 19.94
C TYR C 511 15.89 5.07 20.19
N TRP C 512 14.81 4.82 19.44
CA TRP C 512 13.62 5.66 19.61
C TRP C 512 12.54 4.92 20.41
N GLU C 513 12.01 5.60 21.43
CA GLU C 513 11.12 4.99 22.41
C GLU C 513 11.54 3.57 22.83
N PRO C 514 12.66 3.43 23.55
CA PRO C 514 12.97 2.13 24.17
C PRO C 514 12.04 1.74 25.32
N ALA C 515 11.11 2.60 25.81
CA ALA C 515 10.30 2.22 26.98
C ALA C 515 8.88 2.78 26.92
N TRP C 516 8.25 2.72 25.74
CA TRP C 516 6.82 3.00 25.67
C TRP C 516 5.99 1.76 26.05
N ILE C 517 6.23 1.28 27.27
CA ILE C 517 5.64 0.00 27.69
C ILE C 517 4.17 0.16 28.02
N PRO C 518 3.39 -0.93 28.01
CA PRO C 518 1.93 -0.78 28.12
C PRO C 518 1.51 -0.15 29.45
N VAL C 519 0.55 0.75 29.38
CA VAL C 519 0.05 1.35 30.62
C VAL C 519 -0.88 0.38 31.31
N GLY C 520 -1.46 -0.55 30.57
CA GLY C 520 -2.25 -1.60 31.15
C GLY C 520 -2.27 -2.79 30.21
N PRO C 521 -2.54 -3.99 30.73
CA PRO C 521 -2.62 -5.18 29.88
C PRO C 521 -3.64 -4.96 28.78
N PRO C 522 -3.58 -5.74 27.69
CA PRO C 522 -4.54 -5.54 26.59
C PRO C 522 -5.99 -5.77 26.98
N GLU C 523 -6.25 -6.46 28.08
CA GLU C 523 -7.60 -6.71 28.56
C GLU C 523 -8.11 -5.61 29.48
N GLN C 524 -7.27 -4.63 29.80
CA GLN C 524 -7.63 -3.49 30.62
C GLN C 524 -7.79 -2.24 29.77
N LEU C 525 -8.29 -2.41 28.53
CA LEU C 525 -8.23 -1.34 27.54
C LEU C 525 -9.03 -0.11 28.00
N LYS C 526 -10.24 -0.32 28.51
CA LYS C 526 -11.04 0.81 28.98
C LYS C 526 -10.31 1.63 30.05
N GLN C 527 -9.63 0.98 30.99
CA GLN C 527 -8.84 1.73 31.96
C GLN C 527 -7.68 2.42 31.29
N ASN C 528 -7.05 1.73 30.33
CA ASN C 528 -5.98 2.28 29.51
C ASN C 528 -6.44 3.50 28.72
N GLU C 529 -7.65 3.44 28.12
CA GLU C 529 -8.17 4.57 27.37
C GLU C 529 -8.28 5.81 28.25
N LYS C 530 -8.61 5.62 29.53
CA LYS C 530 -8.68 6.73 30.47
C LYS C 530 -7.32 7.37 30.67
N LYS C 531 -6.30 6.54 30.93
CA LYS C 531 -4.94 7.05 31.11
C LYS C 531 -4.40 7.62 29.81
N TRP C 532 -4.66 6.95 28.69
CA TRP C 532 -4.18 7.43 27.40
C TRP C 532 -4.67 8.84 27.16
N GLU C 533 -5.96 9.04 27.39
CA GLU C 533 -6.60 10.34 27.20
C GLU C 533 -6.14 11.32 28.27
N LYS C 534 -6.16 10.90 29.55
CA LYS C 534 -5.95 11.85 30.64
C LYS C 534 -4.50 12.22 30.81
N TYR C 535 -3.58 11.32 30.51
CA TYR C 535 -2.19 11.63 30.80
C TYR C 535 -1.32 11.72 29.57
N GLY C 536 -1.84 11.43 28.37
CA GLY C 536 -1.02 11.43 27.17
C GLY C 536 -0.12 10.22 27.01
N SER C 537 -0.45 9.11 27.67
CA SER C 537 0.33 7.90 27.64
C SER C 537 0.14 7.12 26.34
N GLY C 538 -0.63 7.63 25.39
CA GLY C 538 -0.77 7.01 24.10
C GLY C 538 0.07 7.72 23.04
N TRP C 539 0.05 7.15 21.83
CA TRP C 539 0.64 7.86 20.69
C TRP C 539 -0.14 9.14 20.33
N ALA C 540 -1.47 9.12 20.49
CA ALA C 540 -2.27 10.32 20.29
C ALA C 540 -3.62 10.14 20.96
N SER C 541 -4.10 11.17 21.65
CA SER C 541 -5.45 11.25 22.21
C SER C 541 -6.41 11.89 21.21
N SER C 542 -7.70 11.92 21.60
CA SER C 542 -8.74 12.48 20.72
C SER C 542 -8.52 13.96 20.46
N PHE C 543 -7.88 14.65 21.41
CA PHE C 543 -7.73 16.09 21.40
C PHE C 543 -6.78 16.56 20.33
N ALA C 544 -6.03 15.64 19.76
CA ALA C 544 -5.23 15.91 18.58
C ALA C 544 -6.06 15.88 17.30
N ALA C 545 -7.34 15.50 17.34
CA ALA C 545 -8.10 15.35 16.09
C ALA C 545 -8.24 16.68 15.36
N GLU C 546 -8.12 17.79 16.10
CA GLU C 546 -8.19 19.14 15.53
C GLU C 546 -6.93 19.50 14.76
N TYR C 547 -5.78 18.96 15.18
CA TYR C 547 -4.48 19.29 14.60
C TYR C 547 -3.97 18.19 13.71
N ASP C 548 -4.09 16.94 14.15
CA ASP C 548 -3.66 15.78 13.40
C ASP C 548 -4.87 15.02 12.88
N PRO C 549 -5.08 14.91 11.56
CA PRO C 549 -6.23 14.12 11.10
C PRO C 549 -6.15 12.67 11.57
N ASP C 550 -4.95 12.11 11.65
CA ASP C 550 -4.80 10.70 11.96
C ASP C 550 -5.28 10.37 13.38
N ALA C 551 -5.24 11.33 14.30
CA ALA C 551 -5.60 11.04 15.68
C ALA C 551 -7.09 10.72 15.82
N ALA C 552 -7.95 11.45 15.11
CA ALA C 552 -9.40 11.20 15.20
C ALA C 552 -9.75 9.77 14.83
N MET C 553 -9.07 9.21 13.83
CA MET C 553 -9.36 7.89 13.31
C MET C 553 -8.79 6.81 14.22
N TRP C 554 -7.58 7.04 14.75
CA TRP C 554 -6.79 6.03 15.43
C TRP C 554 -6.21 6.56 16.75
N HIS C 555 -7.00 7.23 17.57
CA HIS C 555 -6.45 7.62 18.86
C HIS C 555 -6.40 6.39 19.78
N GLY C 556 -5.46 6.41 20.72
CA GLY C 556 -5.19 5.24 21.53
C GLY C 556 -3.76 5.26 22.06
N GLY C 557 -3.22 4.06 22.29
CA GLY C 557 -1.96 3.91 22.99
C GLY C 557 -0.70 3.71 22.15
N SER C 558 0.30 3.02 22.70
CA SER C 558 1.59 2.87 22.04
C SER C 558 1.54 1.78 20.97
N ALA C 559 2.04 2.07 19.76
CA ALA C 559 2.26 1.07 18.74
C ALA C 559 3.72 0.61 18.66
N VAL C 560 4.56 1.04 19.60
CA VAL C 560 5.97 0.67 19.71
C VAL C 560 6.25 -0.05 21.02
N ASP C 561 5.20 -0.53 21.68
CA ASP C 561 5.46 -1.24 22.93
C ASP C 561 6.19 -2.57 22.68
N ASN C 562 6.04 -3.18 21.48
CA ASN C 562 6.74 -4.42 21.14
C ASN C 562 8.13 -4.16 20.59
N GLN C 563 8.53 -2.91 20.49
CA GLN C 563 9.84 -2.53 20.01
C GLN C 563 10.67 -1.91 21.12
N ALA C 564 10.17 -1.99 22.34
CA ALA C 564 10.87 -1.46 23.50
C ALA C 564 11.93 -2.43 23.98
N LEU C 565 12.94 -1.88 24.63
CA LEU C 565 14.00 -2.66 25.24
C LEU C 565 13.69 -2.98 26.69
N PHE C 566 12.43 -2.83 27.05
CA PHE C 566 11.94 -3.19 28.37
C PHE C 566 10.71 -4.05 28.12
N ASP C 567 10.39 -4.93 29.06
CA ASP C 567 9.25 -5.78 28.79
C ASP C 567 7.95 -5.08 29.20
N PHE C 568 6.80 -5.77 28.97
CA PHE C 568 5.50 -5.17 29.19
C PHE C 568 5.28 -4.71 30.64
N ASN C 569 6.11 -5.19 31.57
CA ASN C 569 5.92 -4.97 33.00
C ASN C 569 7.09 -4.23 33.61
N GLY C 570 7.84 -3.46 32.81
CA GLY C 570 8.88 -2.58 33.30
C GLY C 570 10.26 -3.20 33.49
N ARG C 571 10.40 -4.47 33.31
CA ARG C 571 11.66 -5.12 33.60
C ARG C 571 12.56 -5.11 32.38
N PRO C 572 13.81 -4.63 32.48
CA PRO C 572 14.67 -4.49 31.29
C PRO C 572 14.83 -5.80 30.55
N LEU C 573 14.84 -5.73 29.23
CA LEU C 573 15.09 -6.93 28.44
C LEU C 573 16.59 -7.16 28.35
N PRO C 574 17.01 -8.41 28.12
CA PRO C 574 18.45 -8.65 27.86
C PRO C 574 19.02 -7.82 26.72
N SER C 575 18.18 -7.31 25.82
CA SER C 575 18.68 -6.55 24.69
C SER C 575 19.14 -5.15 25.08
N LEU C 576 18.83 -4.69 26.29
CA LEU C 576 19.23 -3.36 26.72
C LEU C 576 20.73 -3.24 26.89
N ASN C 577 21.43 -4.37 26.88
CA ASN C 577 22.87 -4.42 27.08
C ASN C 577 23.63 -4.38 25.76
N VAL C 578 22.94 -4.24 24.64
CA VAL C 578 23.64 -4.11 23.37
C VAL C 578 24.60 -2.93 23.46
N PHE C 579 24.22 -1.87 24.19
CA PHE C 579 25.05 -0.67 24.28
C PHE C 579 26.32 -0.97 25.05
N LYS C 580 26.21 -1.86 26.04
CA LYS C 580 27.35 -2.41 26.77
C LYS C 580 28.18 -3.32 25.86
N TYR C 581 27.53 -4.32 25.25
CA TYR C 581 28.23 -5.42 24.56
C TYR C 581 28.91 -4.99 23.26
N VAL C 582 28.53 -3.86 22.67
CA VAL C 582 29.10 -3.53 21.38
C VAL C 582 30.59 -3.32 21.50
N ASP C 583 31.07 -3.17 22.72
CA ASP C 583 32.47 -2.92 23.01
C ASP C 583 33.17 -4.15 23.54
N THR C 584 32.54 -4.86 24.48
CA THR C 584 33.12 -6.07 25.06
C THR C 584 33.09 -7.23 24.05
N GLY C 585 31.97 -7.44 23.38
CA GLY C 585 31.85 -8.58 22.49
C GLY C 585 30.92 -9.67 22.99
CA CA D . -10.64 -18.08 2.66
CA CA E . -19.75 7.55 4.30
CA CA F . 0.25 -1.49 21.27
#